data_1MPN
#
_entry.id   1MPN
#
_cell.length_a   131.900
_cell.length_b   214.800
_cell.length_c   220.200
_cell.angle_alpha   90.00
_cell.angle_beta   90.00
_cell.angle_gamma   90.00
#
_symmetry.space_group_name_H-M   'C 2 2 21'
#
loop_
_entity.id
_entity.type
_entity.pdbx_description
1 polymer MALTOPORIN
2 branched alpha-D-glucopyranose-(1-4)-alpha-D-glucopyranose-(1-4)-alpha-D-glucopyranose
3 non-polymer 'MAGNESIUM ION'
#
_entity_poly.entity_id   1
_entity_poly.type   'polypeptide(L)'
_entity_poly.pdbx_seq_one_letter_code
;VDFHGYARSGIGWTGSGGEQQCFQTTGAQSKYRLGNECETYAELKLGQEVWKEGDKSFYFDTNVAYSVAQQNDWEATDPA
FREANVQGKNLIEWLPGSTIWAGKRFYQRHDVHMIDFYYWDISGPGAGLENIDVGFGKLSLAATRSSEAGGSSSFASNNI
YDYTNETANDVFDVRLAQMEINPGGTLELGVDYGRANLRDNYRLVDGASKDGWLFTAEHTQSVLKGFNKFVVQYATDSMT
SQGKGLSQGSGVAFDNEKFAYNINNNGHMLRILDHGAISMGDNWDMMYVGMYQDINWDNDNGTKWWTVGIRPMYKWTPIM
STVMEIGYDNVESQRTGDKNNQYKITLAQQWQAGDSIWSRPAIRVFATYAKWDEKWGYDYTGNADNNANFGKAVPADFNG
GSFGRGDSDEWTFGAQMEIWW
;
_entity_poly.pdbx_strand_id   A,B,C
#
# COMPACT_ATOMS: atom_id res chain seq x y z
N VAL A 1 1.55 -4.50 -20.82
CA VAL A 1 0.73 -3.93 -19.74
C VAL A 1 0.21 -2.58 -20.19
N ASP A 2 -1.02 -2.25 -19.81
CA ASP A 2 -1.64 -0.95 -20.12
C ASP A 2 -1.45 -0.09 -18.86
N PHE A 3 -1.23 1.21 -19.01
CA PHE A 3 -1.01 2.01 -17.82
C PHE A 3 -1.76 3.32 -17.92
N HIS A 4 -2.68 3.53 -16.99
CA HIS A 4 -3.48 4.75 -16.98
C HIS A 4 -3.73 5.22 -15.58
N GLY A 5 -4.21 6.46 -15.46
CA GLY A 5 -4.53 7.01 -14.15
C GLY A 5 -5.01 8.45 -14.16
N TYR A 6 -4.85 9.08 -13.00
CA TYR A 6 -5.20 10.48 -12.75
C TYR A 6 -4.24 10.81 -11.62
N ALA A 7 -3.79 12.05 -11.51
CA ALA A 7 -2.94 12.41 -10.39
C ALA A 7 -2.89 13.91 -10.39
N ARG A 8 -2.78 14.51 -9.21
CA ARG A 8 -2.67 15.97 -9.05
C ARG A 8 -1.71 16.14 -7.88
N SER A 9 -0.82 17.13 -7.92
CA SER A 9 0.16 17.33 -6.85
C SER A 9 0.76 18.73 -6.90
N GLY A 10 1.15 19.28 -5.76
CA GLY A 10 1.65 20.64 -5.80
C GLY A 10 2.16 21.27 -4.52
N ILE A 11 2.30 22.61 -4.52
CA ILE A 11 2.80 23.36 -3.36
C ILE A 11 2.13 24.73 -3.32
N GLY A 12 1.73 25.18 -2.12
CA GLY A 12 1.04 26.46 -1.97
C GLY A 12 1.21 27.21 -0.65
N TRP A 13 0.81 28.46 -0.65
CA TRP A 13 0.94 29.32 0.51
C TRP A 13 -0.34 30.09 0.81
N THR A 14 -0.65 30.36 2.09
CA THR A 14 -1.83 31.17 2.43
C THR A 14 -1.43 32.63 2.66
N GLY A 15 -2.16 33.54 2.05
CA GLY A 15 -1.85 34.96 2.19
C GLY A 15 -1.51 35.37 3.60
N SER A 16 -2.40 35.06 4.56
CA SER A 16 -2.25 35.37 6.00
C SER A 16 -1.12 34.67 6.71
N GLY A 17 -0.85 33.42 6.34
CA GLY A 17 0.22 32.66 6.95
C GLY A 17 0.13 31.15 6.79
N GLY A 18 1.31 30.52 6.72
CA GLY A 18 1.44 29.07 6.60
C GLY A 18 1.03 28.39 5.33
N GLU A 19 0.99 27.06 5.36
CA GLU A 19 0.58 26.25 4.22
C GLU A 19 -0.73 26.74 3.64
N GLN A 20 -1.04 26.38 2.41
CA GLN A 20 -2.27 26.87 1.78
C GLN A 20 -3.56 26.22 2.23
N GLN A 21 -4.64 26.98 2.14
CA GLN A 21 -5.95 26.50 2.53
C GLN A 21 -6.93 26.46 1.40
N CYS A 22 -7.92 25.61 1.59
CA CYS A 22 -8.94 25.45 0.58
C CYS A 22 -10.32 25.98 1.04
N PHE A 23 -11.18 26.42 0.12
CA PHE A 23 -12.45 27.02 0.54
C PHE A 23 -13.72 26.37 0.07
N GLN A 24 -14.53 25.89 1.01
CA GLN A 24 -15.79 25.24 0.65
C GLN A 24 -17.00 25.73 1.50
N THR A 25 -18.09 26.11 0.86
CA THR A 25 -19.25 26.58 1.61
C THR A 25 -19.90 25.52 2.48
N THR A 26 -20.09 25.81 3.77
CA THR A 26 -20.71 24.86 4.73
C THR A 26 -22.11 24.48 4.30
N GLY A 27 -22.30 23.24 3.90
CA GLY A 27 -23.61 22.82 3.44
C GLY A 27 -23.60 22.40 1.98
N ALA A 28 -22.67 22.96 1.20
CA ALA A 28 -22.53 22.62 -0.22
C ALA A 28 -21.75 21.32 -0.28
N GLN A 29 -21.94 20.55 -1.34
CA GLN A 29 -21.22 19.29 -1.47
C GLN A 29 -20.06 19.39 -2.47
N SER A 30 -19.52 20.60 -2.66
CA SER A 30 -18.42 20.78 -3.62
C SER A 30 -17.74 22.14 -3.50
N LYS A 31 -16.57 22.28 -4.13
CA LYS A 31 -15.85 23.55 -4.13
C LYS A 31 -15.38 23.82 -5.55
N TYR A 32 -15.08 25.08 -5.89
CA TYR A 32 -14.61 25.36 -7.24
C TYR A 32 -13.15 25.12 -7.33
N ARG A 33 -12.92 23.94 -7.86
CA ARG A 33 -11.65 23.33 -8.12
C ARG A 33 -10.36 24.10 -8.34
N LEU A 34 -10.30 25.02 -9.30
CA LEU A 34 -9.03 25.70 -9.61
C LEU A 34 -8.33 26.43 -8.50
N GLY A 35 -7.09 26.02 -8.28
CA GLY A 35 -6.30 26.67 -7.24
C GLY A 35 -7.08 26.64 -5.93
N ASN A 36 -7.73 25.51 -5.66
CA ASN A 36 -8.53 25.31 -4.47
C ASN A 36 -8.53 23.81 -4.11
N GLU A 37 -7.41 23.13 -4.37
CA GLU A 37 -7.25 21.71 -4.03
C GLU A 37 -6.02 21.62 -3.16
N CYS A 38 -6.17 20.92 -2.03
CA CYS A 38 -5.11 20.77 -1.04
C CYS A 38 -4.57 19.32 -0.72
N GLU A 39 -4.47 18.42 -1.71
CA GLU A 39 -3.95 17.04 -1.51
C GLU A 39 -3.14 16.54 -2.69
N THR A 40 -2.44 15.42 -2.55
CA THR A 40 -1.77 14.79 -3.69
C THR A 40 -2.64 13.58 -3.81
N TYR A 41 -3.41 13.49 -4.88
CA TYR A 41 -4.29 12.34 -5.04
C TYR A 41 -3.82 11.62 -6.29
N ALA A 42 -3.91 10.29 -6.33
CA ALA A 42 -3.41 9.56 -7.50
C ALA A 42 -3.95 8.16 -7.66
N GLU A 43 -4.45 7.80 -8.86
CA GLU A 43 -4.94 6.43 -9.14
C GLU A 43 -4.02 5.77 -10.14
N LEU A 44 -3.46 4.60 -9.84
CA LEU A 44 -2.57 3.94 -10.78
C LEU A 44 -3.15 2.67 -11.31
N LYS A 45 -3.57 2.71 -12.57
CA LYS A 45 -4.14 1.55 -13.25
C LYS A 45 -3.13 0.78 -14.08
N LEU A 46 -3.29 -0.54 -14.09
CA LEU A 46 -2.45 -1.47 -14.85
C LEU A 46 -3.40 -2.53 -15.34
N GLY A 47 -3.84 -2.42 -16.60
CA GLY A 47 -4.75 -3.39 -17.20
C GLY A 47 -4.16 -4.17 -18.36
N GLN A 48 -4.94 -5.03 -19.00
CA GLN A 48 -4.42 -5.83 -20.10
C GLN A 48 -5.44 -6.76 -20.75
N GLU A 49 -5.40 -6.84 -22.09
CA GLU A 49 -6.31 -7.71 -22.85
C GLU A 49 -5.72 -9.09 -22.80
N VAL A 50 -6.29 -9.97 -22.02
CA VAL A 50 -5.65 -11.26 -21.91
C VAL A 50 -5.96 -12.34 -22.94
N TRP A 51 -6.98 -12.16 -23.76
CA TRP A 51 -7.32 -13.18 -24.77
C TRP A 51 -8.24 -12.62 -25.83
N LYS A 52 -7.91 -12.88 -27.11
CA LYS A 52 -8.73 -12.41 -28.22
C LYS A 52 -8.86 -13.44 -29.31
N GLU A 53 -10.05 -13.62 -29.85
CA GLU A 53 -10.24 -14.56 -30.93
C GLU A 53 -11.28 -14.03 -31.83
N GLY A 54 -10.82 -13.21 -32.75
CA GLY A 54 -11.73 -12.63 -33.68
C GLY A 54 -12.39 -11.45 -33.01
N ASP A 55 -13.71 -11.54 -32.82
CA ASP A 55 -14.48 -10.47 -32.19
C ASP A 55 -14.43 -10.60 -30.64
N LYS A 56 -14.25 -11.84 -30.19
CA LYS A 56 -14.19 -12.16 -28.81
C LYS A 56 -12.91 -11.78 -28.13
N SER A 57 -13.05 -11.13 -26.98
CA SER A 57 -11.90 -10.71 -26.20
C SER A 57 -12.30 -10.64 -24.74
N PHE A 58 -11.31 -10.83 -23.85
CA PHE A 58 -11.40 -10.77 -22.38
C PHE A 58 -10.38 -9.71 -21.90
N TYR A 59 -10.88 -8.67 -21.25
CA TYR A 59 -10.03 -7.61 -20.72
C TYR A 59 -9.92 -7.59 -19.19
N PHE A 60 -8.71 -7.40 -18.65
CA PHE A 60 -8.49 -7.37 -17.19
C PHE A 60 -8.05 -5.98 -16.81
N ASP A 61 -8.76 -5.37 -15.85
CA ASP A 61 -8.45 -4.02 -15.37
C ASP A 61 -8.33 -3.91 -13.84
N THR A 62 -7.46 -3.03 -13.33
CA THR A 62 -7.27 -2.85 -11.87
C THR A 62 -7.01 -1.36 -11.50
N ASN A 63 -7.28 -0.94 -10.26
CA ASN A 63 -7.02 0.47 -9.88
C ASN A 63 -6.58 0.56 -8.41
N VAL A 64 -5.51 1.29 -8.11
CA VAL A 64 -5.04 1.42 -6.71
C VAL A 64 -4.83 2.88 -6.40
N ALA A 65 -5.64 3.45 -5.50
CA ALA A 65 -5.62 4.88 -5.13
C ALA A 65 -4.80 5.28 -3.91
N TYR A 66 -4.13 6.43 -4.03
CA TYR A 66 -3.28 6.97 -2.99
C TYR A 66 -3.67 8.42 -2.78
N SER A 67 -3.71 8.87 -1.52
CA SER A 67 -4.07 10.24 -1.18
C SER A 67 -3.18 10.65 -0.02
N VAL A 68 -2.28 11.62 -0.19
CA VAL A 68 -1.38 12.03 0.89
C VAL A 68 -1.47 13.56 1.03
N ALA A 69 -0.96 14.12 2.13
CA ALA A 69 -1.10 15.56 2.37
C ALA A 69 -0.07 16.50 1.82
N GLN A 70 0.92 15.94 1.16
CA GLN A 70 1.97 16.70 0.57
C GLN A 70 2.58 17.77 1.42
N GLN A 71 2.95 17.39 2.64
CA GLN A 71 3.62 18.31 3.52
C GLN A 71 4.97 17.78 3.81
N ASN A 72 5.23 16.61 3.25
CA ASN A 72 6.51 15.98 3.42
C ASN A 72 6.87 14.99 2.32
N ASP A 73 8.12 14.53 2.35
CA ASP A 73 8.57 13.54 1.37
C ASP A 73 7.98 12.20 1.76
N TRP A 74 8.64 11.51 2.69
CA TRP A 74 8.15 10.22 3.12
C TRP A 74 6.80 10.31 3.82
N GLU A 75 5.73 10.00 3.11
CA GLU A 75 4.39 10.07 3.66
C GLU A 75 3.73 8.72 3.50
N ALA A 76 3.69 7.94 4.57
CA ALA A 76 3.05 6.62 4.56
C ALA A 76 1.53 6.77 4.47
N THR A 77 0.87 5.76 3.93
CA THR A 77 -0.59 5.79 3.74
C THR A 77 -1.16 4.40 3.49
N ASP A 78 -2.47 4.24 3.69
CA ASP A 78 -3.15 2.97 3.44
C ASP A 78 -3.81 3.19 2.07
N PRO A 79 -3.35 2.46 1.04
CA PRO A 79 -3.94 2.65 -0.28
C PRO A 79 -5.28 1.98 -0.40
N ALA A 80 -6.17 2.45 -1.27
CA ALA A 80 -7.47 1.80 -1.43
C ALA A 80 -7.45 0.91 -2.68
N PHE A 81 -7.82 -0.36 -2.59
CA PHE A 81 -7.81 -1.23 -3.74
C PHE A 81 -9.18 -1.08 -4.32
N ARG A 82 -9.36 -0.09 -5.19
CA ARG A 82 -10.67 0.23 -5.78
C ARG A 82 -11.31 -0.55 -6.94
N GLU A 83 -10.51 -1.21 -7.80
CA GLU A 83 -11.07 -2.04 -8.89
C GLU A 83 -10.21 -3.17 -9.36
N ALA A 84 -10.87 -4.29 -9.61
CA ALA A 84 -10.24 -5.50 -10.08
C ALA A 84 -11.37 -6.29 -10.66
N ASN A 85 -11.54 -6.16 -11.98
CA ASN A 85 -12.65 -6.80 -12.71
C ASN A 85 -12.27 -7.40 -14.10
N VAL A 86 -13.15 -8.24 -14.66
CA VAL A 86 -12.94 -8.87 -15.98
C VAL A 86 -14.16 -8.66 -16.83
N GLN A 87 -13.96 -8.13 -18.04
CA GLN A 87 -15.08 -7.89 -18.97
C GLN A 87 -14.83 -8.68 -20.23
N GLY A 88 -15.85 -9.42 -20.66
CA GLY A 88 -15.72 -10.24 -21.85
C GLY A 88 -16.72 -9.75 -22.87
N LYS A 89 -16.22 -9.25 -24.01
CA LYS A 89 -17.11 -8.73 -25.08
C LYS A 89 -17.46 -9.73 -26.17
N ASN A 90 -18.68 -9.60 -26.69
CA ASN A 90 -19.17 -10.45 -27.75
C ASN A 90 -19.19 -11.91 -27.41
N LEU A 91 -19.09 -12.28 -26.13
CA LEU A 91 -19.09 -13.70 -25.82
C LEU A 91 -20.49 -14.36 -25.96
N ILE A 92 -21.57 -13.57 -26.00
CA ILE A 92 -22.93 -14.14 -26.13
C ILE A 92 -23.51 -13.83 -27.52
N GLU A 93 -23.44 -14.84 -28.40
CA GLU A 93 -23.89 -14.80 -29.80
C GLU A 93 -25.19 -14.04 -29.97
N TRP A 94 -26.26 -14.56 -29.34
CA TRP A 94 -27.58 -13.95 -29.44
C TRP A 94 -27.68 -12.43 -29.19
N LEU A 95 -27.04 -11.90 -28.15
CA LEU A 95 -27.07 -10.43 -27.90
C LEU A 95 -25.65 -9.97 -28.33
N PRO A 96 -25.48 -9.57 -29.60
CA PRO A 96 -24.16 -9.14 -30.07
C PRO A 96 -23.74 -7.74 -29.69
N GLY A 97 -22.41 -7.59 -29.56
CA GLY A 97 -21.76 -6.33 -29.18
C GLY A 97 -21.79 -6.00 -27.68
N SER A 98 -22.43 -6.89 -26.92
CA SER A 98 -22.58 -6.69 -25.50
C SER A 98 -21.53 -7.44 -24.71
N THR A 99 -21.29 -6.89 -23.53
CA THR A 99 -20.33 -7.38 -22.55
C THR A 99 -20.95 -7.91 -21.26
N ILE A 100 -20.28 -8.88 -20.65
CA ILE A 100 -20.72 -9.35 -19.35
C ILE A 100 -19.47 -9.17 -18.52
N TRP A 101 -19.63 -8.64 -17.29
CA TRP A 101 -18.50 -8.39 -16.41
C TRP A 101 -18.84 -8.74 -14.98
N ALA A 102 -17.81 -8.92 -14.15
CA ALA A 102 -17.95 -9.24 -12.74
C ALA A 102 -16.68 -8.77 -12.02
N GLY A 103 -16.83 -8.24 -10.81
CA GLY A 103 -15.68 -7.77 -10.05
C GLY A 103 -15.86 -6.34 -9.59
N LYS A 104 -14.90 -5.81 -8.86
CA LYS A 104 -15.02 -4.42 -8.41
C LYS A 104 -14.72 -3.53 -9.60
N ARG A 105 -15.64 -2.65 -9.95
CA ARG A 105 -15.42 -1.79 -11.10
C ARG A 105 -16.09 -0.42 -11.05
N PHE A 106 -15.38 0.64 -11.46
CA PHE A 106 -15.98 1.99 -11.54
C PHE A 106 -16.99 1.78 -12.69
N TYR A 107 -18.29 1.99 -12.52
CA TYR A 107 -19.25 1.70 -13.60
C TYR A 107 -20.03 2.85 -14.14
N GLN A 108 -19.63 3.34 -15.31
CA GLN A 108 -20.32 4.44 -16.00
C GLN A 108 -20.60 5.68 -15.16
N ARG A 109 -19.59 6.29 -14.59
CA ARG A 109 -19.83 7.47 -13.74
C ARG A 109 -20.11 8.75 -14.55
N HIS A 110 -20.94 9.66 -14.04
CA HIS A 110 -21.24 10.94 -14.72
C HIS A 110 -20.83 12.06 -13.75
N ASP A 111 -19.93 12.96 -14.13
CA ASP A 111 -19.51 13.99 -13.20
C ASP A 111 -19.44 15.39 -13.78
N VAL A 112 -19.03 16.38 -13.00
CA VAL A 112 -18.95 17.78 -13.45
C VAL A 112 -17.57 18.35 -13.05
N HIS A 113 -16.56 18.11 -13.88
CA HIS A 113 -15.17 18.56 -13.63
C HIS A 113 -14.82 19.83 -12.81
N MET A 114 -15.32 21.00 -13.18
CA MET A 114 -14.88 22.18 -12.43
C MET A 114 -15.28 22.19 -10.96
N ILE A 115 -16.27 21.39 -10.59
CA ILE A 115 -16.66 21.34 -9.22
C ILE A 115 -16.39 19.94 -8.70
N ASP A 116 -15.73 19.10 -9.48
CA ASP A 116 -15.41 17.72 -9.08
C ASP A 116 -16.61 17.07 -8.44
N PHE A 117 -17.77 17.18 -9.06
CA PHE A 117 -18.96 16.65 -8.46
C PHE A 117 -19.50 15.44 -9.20
N TYR A 118 -19.49 14.25 -8.61
CA TYR A 118 -20.05 13.09 -9.31
C TYR A 118 -21.57 12.95 -9.10
N TYR A 119 -22.39 13.20 -10.12
CA TYR A 119 -23.84 13.12 -9.91
C TYR A 119 -24.57 11.83 -10.24
N TRP A 120 -23.89 10.80 -10.70
CA TRP A 120 -24.54 9.49 -10.97
C TRP A 120 -23.38 8.54 -10.98
N ASP A 121 -23.18 7.85 -9.86
CA ASP A 121 -22.03 6.96 -9.68
C ASP A 121 -22.37 5.79 -8.73
N ILE A 122 -22.58 4.58 -9.24
CA ILE A 122 -22.88 3.45 -8.40
C ILE A 122 -21.76 2.41 -8.37
N SER A 123 -20.53 2.83 -8.58
CA SER A 123 -19.46 1.84 -8.61
C SER A 123 -19.20 1.10 -7.30
N GLY A 124 -18.56 -0.08 -7.40
CA GLY A 124 -18.24 -0.89 -6.24
C GLY A 124 -18.19 -2.34 -6.68
N PRO A 125 -18.25 -3.37 -5.81
CA PRO A 125 -18.22 -4.77 -6.27
C PRO A 125 -19.50 -4.96 -7.04
N GLY A 126 -19.53 -5.86 -8.02
CA GLY A 126 -20.77 -6.04 -8.77
C GLY A 126 -20.63 -6.89 -10.00
N ALA A 127 -21.68 -6.89 -10.81
CA ALA A 127 -21.71 -7.67 -12.04
C ALA A 127 -22.82 -7.15 -12.94
N GLY A 128 -22.74 -7.42 -14.25
CA GLY A 128 -23.77 -7.00 -15.20
C GLY A 128 -23.62 -7.38 -16.69
N LEU A 129 -24.70 -7.20 -17.48
CA LEU A 129 -24.76 -7.48 -18.93
C LEU A 129 -24.84 -6.11 -19.59
N GLU A 130 -23.73 -5.63 -20.12
CA GLU A 130 -23.64 -4.29 -20.68
C GLU A 130 -23.78 -4.10 -22.19
N ASN A 131 -24.45 -3.02 -22.58
CA ASN A 131 -24.63 -2.66 -23.99
C ASN A 131 -25.39 -3.57 -24.92
N ILE A 132 -26.56 -3.97 -24.49
CA ILE A 132 -27.44 -4.81 -25.28
C ILE A 132 -28.07 -3.84 -26.27
N ASP A 133 -28.13 -4.24 -27.55
CA ASP A 133 -28.72 -3.38 -28.58
C ASP A 133 -30.21 -3.55 -28.73
N VAL A 134 -31.00 -2.55 -28.28
CA VAL A 134 -32.46 -2.60 -28.34
C VAL A 134 -33.01 -1.89 -29.60
N GLY A 135 -32.18 -1.75 -30.63
CA GLY A 135 -32.66 -1.10 -31.84
C GLY A 135 -32.66 0.41 -31.83
N PHE A 136 -33.60 1.02 -31.10
CA PHE A 136 -33.64 2.48 -31.01
C PHE A 136 -32.58 3.04 -30.06
N GLY A 137 -31.96 2.13 -29.30
CA GLY A 137 -30.92 2.53 -28.37
C GLY A 137 -30.34 1.31 -27.68
N LYS A 138 -29.33 1.59 -26.83
CA LYS A 138 -28.62 0.58 -26.05
C LYS A 138 -29.11 0.49 -24.61
N LEU A 139 -29.37 -0.74 -24.18
CA LEU A 139 -29.88 -1.05 -22.83
C LEU A 139 -28.93 -1.90 -22.04
N SER A 140 -28.50 -1.38 -20.87
CA SER A 140 -27.58 -2.09 -19.96
C SER A 140 -28.24 -2.45 -18.58
N LEU A 141 -27.80 -3.57 -17.97
CA LEU A 141 -28.30 -4.06 -16.67
C LEU A 141 -27.12 -4.38 -15.71
N ALA A 142 -27.20 -3.92 -14.44
CA ALA A 142 -26.15 -4.13 -13.39
C ALA A 142 -26.66 -4.16 -11.97
N ALA A 143 -25.89 -4.81 -11.09
CA ALA A 143 -26.19 -4.89 -9.67
C ALA A 143 -24.89 -4.59 -8.91
N THR A 144 -24.87 -3.53 -8.12
CA THR A 144 -23.66 -3.24 -7.35
C THR A 144 -24.00 -3.24 -5.87
N ARG A 145 -22.97 -3.21 -5.03
CA ARG A 145 -23.10 -3.21 -3.57
C ARG A 145 -22.36 -2.16 -2.77
N SER A 146 -22.91 -1.87 -1.61
CA SER A 146 -22.36 -0.94 -0.64
C SER A 146 -22.77 -1.56 0.69
N SER A 147 -22.17 -1.08 1.76
CA SER A 147 -22.53 -1.57 3.08
C SER A 147 -22.18 -0.47 4.08
N GLU A 148 -23.15 -0.08 4.91
CA GLU A 148 -22.93 0.96 5.91
C GLU A 148 -22.34 0.37 7.18
N ALA A 149 -21.45 1.14 7.84
CA ALA A 149 -20.68 0.75 9.06
C ALA A 149 -21.35 -0.01 10.19
N GLY A 150 -22.61 0.32 10.45
CA GLY A 150 -23.38 -0.38 11.46
C GLY A 150 -24.80 0.02 11.19
N GLY A 151 -25.76 -0.58 11.88
CA GLY A 151 -27.15 -0.18 11.68
C GLY A 151 -28.17 -1.27 11.87
N SER A 152 -27.70 -2.46 12.19
CA SER A 152 -28.60 -3.58 12.38
C SER A 152 -28.43 -4.13 13.77
N SER A 153 -29.45 -4.81 14.30
CA SER A 153 -29.35 -5.40 15.64
C SER A 153 -29.61 -6.88 15.62
N SER A 154 -28.83 -7.63 16.41
CA SER A 154 -28.96 -9.09 16.48
C SER A 154 -30.31 -9.51 17.05
N PHE A 155 -30.80 -8.70 18.01
CA PHE A 155 -32.09 -8.91 18.70
C PHE A 155 -32.88 -7.61 18.62
N ALA A 156 -34.11 -7.61 19.13
CA ALA A 156 -34.90 -6.38 19.09
C ALA A 156 -34.70 -5.52 20.33
N SER A 157 -34.00 -4.40 20.18
CA SER A 157 -33.78 -3.47 21.28
C SER A 157 -34.53 -2.20 20.99
N ASN A 158 -34.56 -1.30 21.96
CA ASN A 158 -35.20 -0.01 21.77
C ASN A 158 -34.04 0.96 21.86
N ASN A 159 -32.86 0.43 22.19
CA ASN A 159 -31.69 1.28 22.32
C ASN A 159 -30.94 1.37 21.00
N ILE A 160 -30.81 2.58 20.48
CA ILE A 160 -30.14 2.76 19.21
C ILE A 160 -28.71 2.30 19.32
N TYR A 161 -28.18 2.26 20.53
CA TYR A 161 -26.80 1.84 20.70
C TYR A 161 -26.59 0.35 20.46
N ASP A 162 -27.66 -0.39 20.15
CA ASP A 162 -27.54 -1.82 19.89
C ASP A 162 -27.46 -2.17 18.40
N TYR A 163 -27.65 -1.12 17.61
CA TYR A 163 -27.65 -1.18 16.15
C TYR A 163 -26.25 -0.85 15.62
N THR A 164 -25.33 -1.77 15.86
CA THR A 164 -23.97 -1.56 15.46
C THR A 164 -23.41 -2.54 14.44
N ASN A 165 -24.29 -3.37 13.89
CA ASN A 165 -23.86 -4.33 12.89
C ASN A 165 -23.84 -3.69 11.50
N GLU A 166 -22.76 -3.97 10.76
CA GLU A 166 -22.61 -3.46 9.39
C GLU A 166 -23.87 -3.92 8.67
N THR A 167 -24.46 -3.04 7.87
CA THR A 167 -25.68 -3.36 7.14
C THR A 167 -25.48 -3.13 5.62
N ALA A 168 -25.62 -4.22 4.86
CA ALA A 168 -25.45 -4.23 3.42
C ALA A 168 -26.62 -3.68 2.63
N ASN A 169 -26.32 -3.00 1.53
CA ASN A 169 -27.37 -2.45 0.68
C ASN A 169 -27.09 -2.85 -0.79
N ASP A 170 -28.10 -3.30 -1.52
CA ASP A 170 -27.92 -3.66 -2.91
C ASP A 170 -28.54 -2.60 -3.80
N VAL A 171 -28.02 -2.44 -5.02
CA VAL A 171 -28.60 -1.47 -5.96
C VAL A 171 -28.81 -2.21 -7.26
N PHE A 172 -29.96 -1.96 -7.89
CA PHE A 172 -30.31 -2.57 -9.15
C PHE A 172 -30.51 -1.44 -10.09
N ASP A 173 -29.75 -1.49 -11.18
CA ASP A 173 -29.70 -0.44 -12.15
C ASP A 173 -30.14 -0.85 -13.55
N VAL A 174 -30.83 0.04 -14.26
CA VAL A 174 -31.27 -0.18 -15.63
C VAL A 174 -31.18 1.14 -16.39
N ARG A 175 -30.45 1.15 -17.50
CA ARG A 175 -30.37 2.37 -18.28
C ARG A 175 -30.67 2.07 -19.75
N LEU A 176 -31.20 3.07 -20.44
CA LEU A 176 -31.53 3.00 -21.85
C LEU A 176 -30.89 4.25 -22.42
N ALA A 177 -29.89 4.07 -23.28
CA ALA A 177 -29.20 5.25 -23.78
C ALA A 177 -28.97 5.39 -25.27
N GLN A 178 -28.27 6.46 -25.63
CA GLN A 178 -27.95 6.80 -27.01
C GLN A 178 -29.23 6.90 -27.91
N MET A 179 -30.36 7.33 -27.36
CA MET A 179 -31.58 7.52 -28.14
C MET A 179 -31.49 8.93 -28.69
N GLU A 180 -31.66 9.08 -30.01
CA GLU A 180 -31.59 10.41 -30.64
C GLU A 180 -32.93 11.15 -30.63
N ILE A 181 -33.35 11.66 -29.47
CA ILE A 181 -34.62 12.38 -29.38
C ILE A 181 -34.60 13.50 -30.44
N ASN A 182 -33.47 14.17 -30.63
CA ASN A 182 -33.44 15.22 -31.65
C ASN A 182 -32.13 15.18 -32.48
N PRO A 183 -31.98 16.11 -33.43
CA PRO A 183 -30.75 16.12 -34.23
C PRO A 183 -29.67 16.85 -33.45
N GLY A 184 -28.62 16.12 -33.11
CA GLY A 184 -27.52 16.69 -32.35
C GLY A 184 -27.61 16.33 -30.87
N GLY A 185 -28.81 15.92 -30.48
CA GLY A 185 -29.02 15.56 -29.11
C GLY A 185 -29.35 14.10 -28.90
N THR A 186 -29.11 13.65 -27.68
CA THR A 186 -29.37 12.29 -27.28
C THR A 186 -30.03 12.28 -25.93
N LEU A 187 -30.65 11.16 -25.61
CA LEU A 187 -31.36 10.99 -24.35
C LEU A 187 -31.09 9.66 -23.66
N GLU A 188 -30.69 9.73 -22.38
CA GLU A 188 -30.45 8.53 -21.55
C GLU A 188 -31.44 8.57 -20.41
N LEU A 189 -31.97 7.41 -20.07
CA LEU A 189 -32.93 7.30 -18.99
C LEU A 189 -32.49 6.17 -18.09
N GLY A 190 -32.60 6.36 -16.79
CA GLY A 190 -32.18 5.29 -15.90
C GLY A 190 -33.00 5.21 -14.63
N VAL A 191 -33.13 3.99 -14.14
CA VAL A 191 -33.86 3.73 -12.93
C VAL A 191 -32.98 2.95 -12.00
N ASP A 192 -32.91 3.44 -10.75
CA ASP A 192 -32.14 2.80 -9.69
C ASP A 192 -33.02 2.44 -8.48
N TYR A 193 -32.99 1.19 -8.04
CA TYR A 193 -33.75 0.79 -6.88
C TYR A 193 -32.86 0.14 -5.85
N GLY A 194 -32.71 0.77 -4.68
CA GLY A 194 -31.84 0.24 -3.65
C GLY A 194 -32.55 -0.14 -2.36
N ARG A 195 -31.96 -1.03 -1.58
CA ARG A 195 -32.60 -1.50 -0.36
C ARG A 195 -31.59 -2.13 0.61
N ALA A 196 -31.76 -1.95 1.92
CA ALA A 196 -30.86 -2.59 2.90
C ALA A 196 -31.27 -4.05 2.91
N ASN A 197 -30.31 -4.96 2.81
CA ASN A 197 -30.53 -6.39 2.76
C ASN A 197 -30.12 -7.01 4.09
N LEU A 198 -31.10 -7.25 4.97
CA LEU A 198 -30.83 -7.76 6.32
C LEU A 198 -30.50 -9.22 6.51
N ARG A 199 -29.55 -9.51 7.39
CA ARG A 199 -29.13 -10.88 7.69
C ARG A 199 -30.31 -11.61 8.27
N ASP A 200 -30.34 -12.93 8.18
CA ASP A 200 -31.48 -13.66 8.76
C ASP A 200 -31.53 -13.32 10.23
N ASN A 201 -32.71 -12.85 10.67
CA ASN A 201 -32.98 -12.46 12.06
C ASN A 201 -32.66 -11.00 12.46
N TYR A 202 -31.70 -10.34 11.84
CA TYR A 202 -31.42 -8.97 12.24
C TYR A 202 -32.57 -8.02 11.93
N ARG A 203 -32.58 -6.88 12.63
CA ARG A 203 -33.65 -5.88 12.48
C ARG A 203 -33.10 -4.48 12.37
N LEU A 204 -33.83 -3.62 11.68
CA LEU A 204 -33.43 -2.23 11.55
C LEU A 204 -34.19 -1.44 12.62
N VAL A 205 -33.82 -0.16 12.78
CA VAL A 205 -34.45 0.72 13.75
C VAL A 205 -35.92 0.93 13.35
N ASP A 206 -36.72 1.51 14.24
CA ASP A 206 -38.12 1.77 13.94
C ASP A 206 -38.16 3.03 13.10
N GLY A 207 -38.87 2.98 11.98
CA GLY A 207 -38.97 4.15 11.13
C GLY A 207 -37.86 4.31 10.11
N ALA A 208 -36.88 3.41 10.14
CA ALA A 208 -35.77 3.42 9.20
C ALA A 208 -36.37 3.40 7.81
N SER A 209 -35.80 4.19 6.91
CA SER A 209 -36.25 4.31 5.52
C SER A 209 -36.24 2.99 4.77
N LYS A 210 -35.18 2.20 4.92
CA LYS A 210 -35.06 0.88 4.32
C LYS A 210 -34.72 0.76 2.85
N ASP A 211 -35.45 1.43 1.94
CA ASP A 211 -35.16 1.35 0.51
C ASP A 211 -35.39 2.67 -0.20
N GLY A 212 -35.48 2.66 -1.53
CA GLY A 212 -35.69 3.92 -2.24
C GLY A 212 -35.53 3.95 -3.75
N TRP A 213 -35.69 5.14 -4.37
CA TRP A 213 -35.56 5.32 -5.83
C TRP A 213 -34.80 6.53 -6.30
N LEU A 214 -34.12 6.36 -7.43
CA LEU A 214 -33.40 7.48 -8.07
C LEU A 214 -33.81 7.42 -9.53
N PHE A 215 -34.27 8.54 -10.07
CA PHE A 215 -34.66 8.55 -11.46
C PHE A 215 -33.82 9.61 -12.16
N THR A 216 -33.12 9.19 -13.22
CA THR A 216 -32.25 10.11 -13.97
C THR A 216 -32.66 10.22 -15.43
N ALA A 217 -32.50 11.41 -15.99
CA ALA A 217 -32.78 11.68 -17.40
C ALA A 217 -31.76 12.74 -17.80
N GLU A 218 -30.90 12.38 -18.73
CA GLU A 218 -29.84 13.29 -19.18
C GLU A 218 -29.82 13.53 -20.69
N HIS A 219 -29.93 14.79 -21.10
CA HIS A 219 -29.89 15.14 -22.53
C HIS A 219 -28.59 15.83 -22.96
N THR A 220 -27.92 15.25 -23.97
CA THR A 220 -26.67 15.83 -24.46
C THR A 220 -26.83 16.43 -25.83
N GLN A 221 -26.54 17.71 -25.93
CA GLN A 221 -26.65 18.42 -27.19
C GLN A 221 -25.28 18.84 -27.66
N SER A 222 -24.98 18.57 -28.94
CA SER A 222 -23.71 18.98 -29.48
C SER A 222 -23.77 20.47 -29.83
N VAL A 223 -22.80 21.26 -29.38
CA VAL A 223 -22.87 22.72 -29.61
C VAL A 223 -21.48 23.31 -29.70
N LEU A 224 -21.38 24.53 -30.22
CA LEU A 224 -20.13 25.26 -30.35
C LEU A 224 -18.82 24.49 -30.32
N LYS A 225 -18.77 23.39 -31.07
CA LYS A 225 -17.59 22.54 -31.15
C LYS A 225 -17.32 21.88 -29.79
N GLY A 226 -18.36 21.82 -28.95
CA GLY A 226 -18.24 21.23 -27.64
C GLY A 226 -19.53 20.53 -27.34
N PHE A 227 -20.08 20.71 -26.13
CA PHE A 227 -21.35 20.07 -25.79
C PHE A 227 -22.02 20.72 -24.59
N ASN A 228 -23.26 20.31 -24.36
CA ASN A 228 -24.05 20.79 -23.25
C ASN A 228 -24.94 19.68 -22.72
N LYS A 229 -24.89 19.48 -21.39
CA LYS A 229 -25.68 18.47 -20.72
C LYS A 229 -26.70 19.14 -19.82
N PHE A 230 -27.90 18.60 -19.81
CA PHE A 230 -28.97 19.12 -18.99
C PHE A 230 -29.54 17.90 -18.30
N VAL A 231 -29.42 17.88 -16.98
CA VAL A 231 -29.90 16.76 -16.19
C VAL A 231 -31.00 17.15 -15.26
N VAL A 232 -31.79 16.15 -14.93
CA VAL A 232 -32.87 16.30 -14.00
C VAL A 232 -32.93 14.96 -13.28
N GLN A 233 -32.87 14.98 -11.94
CA GLN A 233 -32.92 13.75 -11.16
C GLN A 233 -33.89 13.84 -10.00
N TYR A 234 -34.41 12.68 -9.59
CA TYR A 234 -35.37 12.62 -8.48
C TYR A 234 -35.14 11.41 -7.59
N ALA A 235 -34.87 11.71 -6.32
CA ALA A 235 -34.58 10.64 -5.39
C ALA A 235 -35.59 10.57 -4.24
N THR A 236 -35.66 9.36 -3.72
CA THR A 236 -36.59 9.05 -2.72
C THR A 236 -36.05 8.28 -1.55
N ASP A 237 -36.15 8.88 -0.37
CA ASP A 237 -35.75 8.22 0.88
C ASP A 237 -34.33 7.73 1.02
N SER A 238 -34.17 6.41 1.12
CA SER A 238 -32.85 5.81 1.33
C SER A 238 -31.82 6.11 0.27
N MET A 239 -32.20 6.90 -0.73
CA MET A 239 -31.32 7.32 -1.80
C MET A 239 -30.99 8.82 -1.76
N THR A 240 -31.55 9.55 -0.79
CA THR A 240 -31.36 11.00 -0.68
C THR A 240 -30.09 11.44 -0.02
N SER A 241 -29.61 10.65 0.93
CA SER A 241 -28.40 11.01 1.66
C SER A 241 -27.14 10.92 0.84
N GLN A 242 -26.88 9.79 0.16
CA GLN A 242 -25.70 9.72 -0.72
C GLN A 242 -25.97 10.55 -2.01
N GLY A 243 -27.13 10.30 -2.65
CA GLY A 243 -27.57 11.07 -3.80
C GLY A 243 -26.81 10.99 -5.10
N LYS A 244 -26.30 9.78 -5.36
CA LYS A 244 -25.54 9.48 -6.56
C LYS A 244 -25.93 8.12 -7.03
N GLY A 245 -26.78 7.44 -6.26
CA GLY A 245 -27.22 6.13 -6.69
C GLY A 245 -27.01 5.04 -5.67
N LEU A 246 -26.32 5.37 -4.59
CA LEU A 246 -26.07 4.39 -3.54
C LEU A 246 -27.06 4.50 -2.39
N SER A 247 -27.43 3.35 -1.81
CA SER A 247 -28.41 3.28 -0.72
C SER A 247 -27.93 3.16 0.73
N GLN A 248 -28.61 3.89 1.62
CA GLN A 248 -28.31 3.89 3.04
C GLN A 248 -29.62 3.79 3.82
N GLY A 249 -30.27 2.65 3.71
CA GLY A 249 -31.55 2.46 4.35
C GLY A 249 -31.59 2.22 5.83
N SER A 250 -30.46 2.33 6.54
CA SER A 250 -30.47 2.07 7.98
C SER A 250 -30.70 3.28 8.88
N GLY A 251 -30.31 4.47 8.41
CA GLY A 251 -30.54 5.68 9.19
C GLY A 251 -29.75 5.90 10.47
N VAL A 252 -28.71 5.09 10.71
CA VAL A 252 -27.84 5.17 11.89
C VAL A 252 -26.41 5.60 11.53
N ALA A 253 -25.93 6.65 12.20
CA ALA A 253 -24.59 7.16 12.01
C ALA A 253 -23.81 6.91 13.30
N PHE A 254 -22.55 7.33 13.36
CA PHE A 254 -21.74 7.14 14.56
C PHE A 254 -20.82 8.32 14.84
N ASP A 255 -20.71 8.70 16.12
CA ASP A 255 -19.81 9.81 16.52
C ASP A 255 -18.37 9.29 16.52
N ASN A 256 -17.40 10.15 16.82
CA ASN A 256 -16.03 9.67 16.85
C ASN A 256 -15.77 8.84 18.11
N GLU A 257 -16.76 8.75 18.98
CA GLU A 257 -16.66 7.98 20.22
C GLU A 257 -17.47 6.68 20.15
N LYS A 258 -17.71 6.21 18.92
CA LYS A 258 -18.45 4.97 18.68
C LYS A 258 -19.92 4.93 19.19
N PHE A 259 -20.53 6.11 19.32
CA PHE A 259 -21.93 6.18 19.78
C PHE A 259 -22.88 6.31 18.62
N ALA A 260 -23.82 5.41 18.52
CA ALA A 260 -24.76 5.46 17.43
C ALA A 260 -25.71 6.63 17.53
N TYR A 261 -25.98 7.29 16.41
CA TYR A 261 -26.97 8.36 16.38
C TYR A 261 -27.87 8.27 15.16
N ASN A 262 -29.02 8.91 15.20
CA ASN A 262 -29.99 8.76 14.14
C ASN A 262 -30.06 9.81 13.05
N ILE A 263 -29.66 9.40 11.84
CA ILE A 263 -29.63 10.28 10.66
C ILE A 263 -30.86 10.20 9.72
N ASN A 264 -31.81 9.30 9.99
CA ASN A 264 -33.04 9.11 9.14
C ASN A 264 -33.23 10.03 7.94
N ASN A 265 -33.27 9.38 6.77
CA ASN A 265 -33.37 10.06 5.49
C ASN A 265 -34.66 9.99 4.71
N ASN A 266 -35.78 9.65 5.36
CA ASN A 266 -37.07 9.65 4.64
C ASN A 266 -37.30 11.06 4.19
N GLY A 267 -37.63 11.20 2.92
CA GLY A 267 -37.84 12.51 2.35
C GLY A 267 -37.65 12.37 0.86
N HIS A 268 -37.08 13.38 0.21
CA HIS A 268 -36.84 13.29 -1.22
C HIS A 268 -35.85 14.34 -1.66
N MET A 269 -35.35 14.18 -2.88
CA MET A 269 -34.42 15.16 -3.43
C MET A 269 -34.73 15.46 -4.89
N LEU A 270 -34.53 16.70 -5.29
CA LEU A 270 -34.79 17.10 -6.66
C LEU A 270 -33.56 17.81 -7.18
N ARG A 271 -33.00 17.32 -8.29
CA ARG A 271 -31.80 17.93 -8.86
C ARG A 271 -32.00 18.44 -10.29
N ILE A 272 -31.61 19.69 -10.54
CA ILE A 272 -31.69 20.28 -11.88
C ILE A 272 -30.28 20.85 -12.19
N LEU A 273 -29.62 20.23 -13.18
CA LEU A 273 -28.24 20.55 -13.55
C LEU A 273 -28.04 20.83 -15.03
N ASP A 274 -27.15 21.76 -15.33
CA ASP A 274 -26.79 22.06 -16.70
C ASP A 274 -25.34 22.51 -16.70
N HIS A 275 -24.52 21.74 -17.41
CA HIS A 275 -23.10 22.03 -17.53
C HIS A 275 -22.60 21.74 -18.93
N GLY A 276 -21.45 22.34 -19.26
CA GLY A 276 -20.84 22.09 -20.56
C GLY A 276 -19.55 22.85 -20.81
N ALA A 277 -18.99 22.62 -22.00
CA ALA A 277 -17.77 23.30 -22.43
C ALA A 277 -18.00 23.61 -23.91
N ILE A 278 -17.68 24.85 -24.29
CA ILE A 278 -17.83 25.30 -25.65
C ILE A 278 -16.59 26.07 -26.05
N SER A 279 -16.30 26.07 -27.35
CA SER A 279 -15.17 26.81 -27.92
C SER A 279 -15.82 27.93 -28.74
N MET A 280 -15.29 29.14 -28.59
CA MET A 280 -15.82 30.30 -29.33
C MET A 280 -14.68 30.89 -30.17
N GLY A 281 -14.57 30.41 -31.40
CA GLY A 281 -13.50 30.90 -32.24
C GLY A 281 -12.26 30.02 -32.11
N ASP A 282 -11.08 30.64 -32.12
CA ASP A 282 -9.84 29.86 -32.04
C ASP A 282 -9.05 30.19 -30.82
N ASN A 283 -9.29 31.37 -30.23
CA ASN A 283 -8.54 31.80 -29.05
C ASN A 283 -9.24 31.67 -27.65
N TRP A 284 -10.43 31.08 -27.60
CA TRP A 284 -11.13 30.93 -26.34
C TRP A 284 -11.86 29.62 -26.18
N ASP A 285 -11.87 29.16 -24.93
CA ASP A 285 -12.57 27.95 -24.51
C ASP A 285 -13.20 28.34 -23.19
N MET A 286 -14.29 27.69 -22.83
CA MET A 286 -14.93 28.02 -21.57
C MET A 286 -15.89 26.96 -21.05
N MET A 287 -15.66 26.47 -19.83
CA MET A 287 -16.56 25.48 -19.18
C MET A 287 -17.54 26.29 -18.31
N TYR A 288 -18.70 25.71 -17.99
CA TYR A 288 -19.70 26.39 -17.17
C TYR A 288 -20.66 25.41 -16.44
N VAL A 289 -21.11 25.77 -15.23
CA VAL A 289 -22.10 24.97 -14.45
C VAL A 289 -23.14 25.89 -13.86
N GLY A 290 -24.31 25.27 -13.72
CA GLY A 290 -25.43 25.92 -13.10
C GLY A 290 -26.23 24.79 -12.45
N MET A 291 -26.46 24.85 -11.13
CA MET A 291 -27.24 23.78 -10.47
C MET A 291 -28.10 24.26 -9.31
N TYR A 292 -29.22 23.56 -9.13
CA TYR A 292 -30.09 23.84 -8.01
C TYR A 292 -30.46 22.48 -7.43
N GLN A 293 -30.11 22.26 -6.15
CA GLN A 293 -30.40 20.97 -5.51
C GLN A 293 -31.15 21.21 -4.23
N ASP A 294 -32.24 20.45 -4.03
CA ASP A 294 -33.07 20.59 -2.84
C ASP A 294 -33.37 19.25 -2.20
N ILE A 295 -32.78 19.05 -1.02
CA ILE A 295 -33.00 17.84 -0.26
C ILE A 295 -33.99 18.24 0.81
N ASN A 296 -35.15 17.62 0.77
CA ASN A 296 -36.18 17.92 1.72
C ASN A 296 -36.40 16.68 2.56
N TRP A 297 -36.06 16.77 3.84
CA TRP A 297 -36.26 15.60 4.70
C TRP A 297 -37.38 15.78 5.69
N ASP A 298 -37.99 14.64 6.06
CA ASP A 298 -39.07 14.66 7.04
C ASP A 298 -38.46 15.15 8.31
N ASN A 299 -37.27 14.66 8.59
CA ASN A 299 -36.58 15.04 9.80
C ASN A 299 -36.25 16.53 9.89
N ASP A 300 -36.63 17.30 8.88
CA ASP A 300 -36.41 18.74 8.87
C ASP A 300 -35.00 19.29 8.87
N ASN A 301 -34.01 18.43 8.61
CA ASN A 301 -32.65 18.90 8.58
C ASN A 301 -32.02 19.03 7.18
N GLY A 302 -32.85 18.96 6.12
CA GLY A 302 -32.36 19.10 4.75
C GLY A 302 -31.71 20.44 4.45
N THR A 303 -31.46 20.71 3.17
CA THR A 303 -30.84 21.98 2.71
C THR A 303 -31.28 22.29 1.27
N LYS A 304 -31.12 23.55 0.82
CA LYS A 304 -31.47 23.96 -0.54
C LYS A 304 -30.23 24.73 -1.07
N TRP A 305 -29.57 24.11 -2.06
CA TRP A 305 -28.31 24.57 -2.67
C TRP A 305 -28.40 25.18 -4.08
N TRP A 306 -27.56 26.18 -4.34
CA TRP A 306 -27.47 26.88 -5.62
C TRP A 306 -26.02 27.16 -6.02
N THR A 307 -25.63 26.82 -7.26
CA THR A 307 -24.26 27.13 -7.74
C THR A 307 -24.23 27.60 -9.16
N VAL A 308 -23.18 28.36 -9.46
CA VAL A 308 -22.92 28.87 -10.79
C VAL A 308 -21.49 29.30 -10.81
N GLY A 309 -20.87 29.00 -11.94
CA GLY A 309 -19.47 29.37 -12.14
C GLY A 309 -19.13 29.17 -13.59
N ILE A 310 -18.03 29.76 -14.03
CA ILE A 310 -17.57 29.64 -15.41
C ILE A 310 -16.08 29.60 -15.40
N ARG A 311 -15.49 28.83 -16.32
CA ARG A 311 -14.03 28.75 -16.41
C ARG A 311 -13.64 29.02 -17.85
N PRO A 312 -13.32 30.27 -18.15
CA PRO A 312 -12.92 30.68 -19.50
C PRO A 312 -11.43 30.64 -19.67
N MET A 313 -10.99 30.00 -20.75
CA MET A 313 -9.57 29.87 -21.05
C MET A 313 -9.30 30.71 -22.28
N TYR A 314 -8.22 31.48 -22.25
CA TYR A 314 -7.85 32.29 -23.42
C TYR A 314 -6.42 31.90 -23.77
N LYS A 315 -6.18 31.47 -25.02
CA LYS A 315 -4.85 30.97 -25.41
C LYS A 315 -3.84 31.79 -26.19
N TRP A 316 -2.81 32.25 -25.51
CA TRP A 316 -1.74 33.01 -26.15
C TRP A 316 -1.02 32.24 -27.25
N THR A 317 -0.71 31.00 -26.92
CA THR A 317 0.04 30.13 -27.78
C THR A 317 -0.71 28.85 -27.83
N PRO A 318 -0.31 27.93 -28.72
CA PRO A 318 -1.06 26.68 -28.72
C PRO A 318 -0.81 25.91 -27.41
N ILE A 319 0.28 26.23 -26.70
CA ILE A 319 0.55 25.56 -25.43
C ILE A 319 0.75 26.46 -24.21
N MET A 320 0.28 27.72 -24.24
CA MET A 320 0.39 28.61 -23.08
C MET A 320 -0.90 29.42 -22.99
N SER A 321 -1.56 29.40 -21.84
CA SER A 321 -2.82 30.14 -21.71
C SER A 321 -2.99 30.74 -20.38
N THR A 322 -4.08 31.47 -20.26
CA THR A 322 -4.43 32.10 -19.01
C THR A 322 -5.82 31.62 -18.72
N VAL A 323 -5.98 30.91 -17.59
CA VAL A 323 -7.28 30.37 -17.17
C VAL A 323 -7.83 31.23 -16.05
N MET A 324 -9.14 31.25 -15.93
CA MET A 324 -9.79 32.00 -14.88
C MET A 324 -11.06 31.26 -14.48
N GLU A 325 -11.34 31.23 -13.17
CA GLU A 325 -12.55 30.56 -12.67
C GLU A 325 -13.26 31.44 -11.66
N ILE A 326 -14.57 31.46 -11.73
CA ILE A 326 -15.35 32.27 -10.82
C ILE A 326 -16.54 31.48 -10.39
N GLY A 327 -16.66 31.29 -9.07
CA GLY A 327 -17.76 30.51 -8.56
C GLY A 327 -18.57 31.09 -7.41
N TYR A 328 -19.85 30.73 -7.38
CA TYR A 328 -20.73 31.22 -6.35
C TYR A 328 -21.61 30.13 -5.76
N ASP A 329 -21.64 30.08 -4.43
CA ASP A 329 -22.46 29.11 -3.71
C ASP A 329 -23.37 29.82 -2.76
N ASN A 330 -24.48 29.15 -2.45
CA ASN A 330 -25.43 29.69 -1.51
C ASN A 330 -26.31 28.54 -1.00
N VAL A 331 -26.16 28.17 0.27
CA VAL A 331 -26.95 27.06 0.84
C VAL A 331 -27.87 27.58 1.95
N GLU A 332 -29.11 27.14 1.98
CA GLU A 332 -30.03 27.60 3.02
C GLU A 332 -30.46 26.42 3.88
N SER A 333 -30.35 26.55 5.20
CA SER A 333 -30.76 25.44 6.08
C SER A 333 -32.25 25.12 6.06
N GLN A 334 -32.63 23.85 5.99
CA GLN A 334 -34.07 23.52 6.00
C GLN A 334 -34.56 23.89 7.41
N ARG A 335 -33.95 23.28 8.44
CA ARG A 335 -34.29 23.51 9.86
C ARG A 335 -34.36 24.99 10.30
N THR A 336 -33.39 25.82 9.96
CA THR A 336 -33.47 27.20 10.43
C THR A 336 -33.77 28.33 9.45
N GLY A 337 -33.83 28.05 8.15
CA GLY A 337 -34.08 29.11 7.20
C GLY A 337 -32.91 30.06 6.96
N ASP A 338 -31.81 29.95 7.72
CA ASP A 338 -30.65 30.83 7.50
C ASP A 338 -29.93 30.49 6.18
N LYS A 339 -29.06 31.40 5.73
CA LYS A 339 -28.31 31.17 4.51
C LYS A 339 -26.83 31.40 4.59
N ASN A 340 -26.09 30.45 4.04
CA ASN A 340 -24.62 30.53 3.98
C ASN A 340 -24.28 30.75 2.51
N ASN A 341 -23.23 31.52 2.23
CA ASN A 341 -22.81 31.72 0.84
C ASN A 341 -21.40 32.20 0.69
N GLN A 342 -20.88 32.04 -0.52
CA GLN A 342 -19.51 32.42 -0.81
C GLN A 342 -19.27 32.59 -2.29
N TYR A 343 -18.18 33.31 -2.60
CA TYR A 343 -17.77 33.52 -3.97
C TYR A 343 -16.24 33.51 -4.05
N LYS A 344 -15.74 32.83 -5.07
CA LYS A 344 -14.30 32.66 -5.28
C LYS A 344 -13.92 33.10 -6.69
N ILE A 345 -12.70 33.61 -6.82
CA ILE A 345 -12.20 34.08 -8.09
C ILE A 345 -10.75 33.67 -8.19
N THR A 346 -10.40 32.79 -9.14
CA THR A 346 -8.98 32.37 -9.27
C THR A 346 -8.43 32.82 -10.60
N LEU A 347 -7.13 33.14 -10.63
CA LEU A 347 -6.47 33.58 -11.86
C LEU A 347 -5.21 32.72 -12.05
N ALA A 348 -5.10 32.02 -13.17
CA ALA A 348 -3.95 31.15 -13.38
C ALA A 348 -3.38 31.21 -14.78
N GLN A 349 -2.06 30.99 -14.84
CA GLN A 349 -1.30 30.99 -16.08
C GLN A 349 -0.78 29.57 -16.23
N GLN A 350 -1.29 28.82 -17.19
CA GLN A 350 -0.83 27.44 -17.35
C GLN A 350 -0.06 27.12 -18.65
N TRP A 351 0.54 25.93 -18.69
CA TRP A 351 1.26 25.41 -19.82
C TRP A 351 0.72 23.99 -19.97
N GLN A 352 0.00 23.67 -21.04
CA GLN A 352 -0.50 22.32 -21.12
C GLN A 352 -0.06 21.60 -22.37
N ALA A 353 -0.11 20.28 -22.35
CA ALA A 353 0.25 19.50 -23.51
C ALA A 353 -1.02 19.33 -24.32
N GLY A 354 -1.52 20.45 -24.80
CA GLY A 354 -2.75 20.44 -25.56
C GLY A 354 -3.03 21.84 -26.05
N ASP A 355 -4.24 22.03 -26.56
CA ASP A 355 -4.72 23.27 -27.18
C ASP A 355 -6.16 23.42 -26.67
N SER A 356 -6.53 22.55 -25.72
CA SER A 356 -7.89 22.56 -25.18
C SER A 356 -7.99 22.80 -23.69
N ILE A 357 -9.20 23.14 -23.29
CA ILE A 357 -9.49 23.32 -21.89
C ILE A 357 -9.48 21.91 -21.26
N TRP A 358 -9.76 20.88 -22.06
CA TRP A 358 -9.76 19.49 -21.61
C TRP A 358 -8.43 18.78 -21.70
N SER A 359 -7.41 19.45 -22.20
CA SER A 359 -6.17 18.72 -22.39
C SER A 359 -5.17 18.83 -21.26
N ARG A 360 -4.53 17.70 -20.89
CA ARG A 360 -3.49 17.66 -19.85
C ARG A 360 -2.43 16.59 -20.09
N PRO A 361 -1.21 16.75 -19.53
CA PRO A 361 -0.77 17.40 -18.29
C PRO A 361 -0.98 18.89 -18.37
N ALA A 362 -0.93 19.56 -17.23
CA ALA A 362 -1.06 20.99 -17.17
C ALA A 362 -0.21 21.41 -16.00
N ILE A 363 0.43 22.57 -16.10
CA ILE A 363 1.24 23.04 -15.00
C ILE A 363 0.77 24.46 -14.74
N ARG A 364 0.16 24.68 -13.59
CA ARG A 364 -0.37 25.99 -13.26
C ARG A 364 0.42 26.76 -12.23
N VAL A 365 0.34 28.07 -12.34
CA VAL A 365 0.88 29.00 -11.38
C VAL A 365 -0.36 29.88 -11.15
N PHE A 366 -0.87 29.95 -9.92
CA PHE A 366 -2.13 30.67 -9.66
C PHE A 366 -2.21 31.49 -8.39
N ALA A 367 -3.36 32.17 -8.28
CA ALA A 367 -3.71 33.00 -7.14
C ALA A 367 -5.21 32.88 -7.01
N THR A 368 -5.67 32.63 -5.79
CA THR A 368 -7.09 32.47 -5.52
C THR A 368 -7.52 33.46 -4.44
N TYR A 369 -8.78 33.88 -4.48
CA TYR A 369 -9.34 34.79 -3.49
C TYR A 369 -10.78 34.43 -3.19
N ALA A 370 -11.12 34.40 -1.91
CA ALA A 370 -12.47 34.07 -1.52
C ALA A 370 -12.93 34.88 -0.34
N LYS A 371 -14.23 35.19 -0.37
CA LYS A 371 -14.90 35.95 0.68
C LYS A 371 -16.21 35.22 0.96
N TRP A 372 -16.42 34.78 2.21
CA TRP A 372 -17.67 34.09 2.61
C TRP A 372 -18.31 34.80 3.81
N ASP A 373 -19.58 34.45 4.05
CA ASP A 373 -20.37 35.02 5.14
C ASP A 373 -21.39 33.95 5.45
N GLU A 374 -21.03 33.08 6.39
CA GLU A 374 -21.89 31.95 6.79
C GLU A 374 -22.72 32.30 8.05
N LYS A 375 -24.02 32.00 8.02
CA LYS A 375 -24.91 32.31 9.15
C LYS A 375 -25.50 31.11 9.89
N TRP A 376 -24.92 29.93 9.68
CA TRP A 376 -25.37 28.70 10.34
C TRP A 376 -24.31 27.62 10.19
N GLY A 377 -24.43 26.53 10.94
CA GLY A 377 -23.45 25.49 10.85
C GLY A 377 -23.99 24.22 11.46
N TYR A 378 -23.20 23.15 11.46
CA TYR A 378 -23.68 21.91 12.05
C TYR A 378 -23.09 21.81 13.44
N ASP A 379 -23.87 21.30 14.40
CA ASP A 379 -23.38 21.19 15.75
C ASP A 379 -22.79 19.84 16.02
N TYR A 380 -21.47 19.82 15.97
CA TYR A 380 -20.76 18.58 16.21
C TYR A 380 -20.02 18.67 17.51
N THR A 381 -20.37 19.64 18.35
CA THR A 381 -19.72 19.79 19.66
C THR A 381 -20.27 18.75 20.57
N GLY A 382 -19.44 18.27 21.48
CA GLY A 382 -19.95 17.29 22.38
C GLY A 382 -19.89 15.87 21.89
N ASN A 383 -20.91 15.10 22.26
CA ASN A 383 -20.92 13.69 21.97
C ASN A 383 -22.34 13.31 21.55
N ALA A 384 -22.49 12.27 20.75
CA ALA A 384 -23.82 11.85 20.35
C ALA A 384 -24.64 11.56 21.61
N ASP A 385 -23.92 11.30 22.72
CA ASP A 385 -24.50 11.01 24.05
C ASP A 385 -24.60 12.32 24.89
N ASN A 386 -23.51 13.10 24.98
CA ASN A 386 -23.54 14.38 25.73
C ASN A 386 -24.59 15.23 25.06
N ASN A 387 -24.37 15.49 23.77
CA ASN A 387 -25.20 16.33 22.90
C ASN A 387 -26.44 15.71 22.29
N ALA A 388 -27.54 16.42 22.41
CA ALA A 388 -28.81 15.96 21.88
C ALA A 388 -29.06 16.58 20.52
N ASN A 389 -28.44 17.73 20.28
CA ASN A 389 -28.55 18.42 19.01
C ASN A 389 -27.38 18.01 18.11
N PHE A 390 -26.74 16.90 18.46
CA PHE A 390 -25.58 16.43 17.73
C PHE A 390 -25.87 16.26 16.29
N GLY A 391 -25.10 16.99 15.48
CA GLY A 391 -25.25 16.92 14.03
C GLY A 391 -26.43 17.62 13.38
N LYS A 392 -27.02 18.61 14.03
CA LYS A 392 -28.14 19.32 13.46
C LYS A 392 -27.71 20.69 13.03
N ALA A 393 -28.41 21.25 12.05
CA ALA A 393 -28.11 22.59 11.60
C ALA A 393 -28.45 23.54 12.78
N VAL A 394 -27.63 24.54 13.04
CA VAL A 394 -27.85 25.44 14.17
C VAL A 394 -27.28 26.80 13.79
N PRO A 395 -27.89 27.90 14.22
CA PRO A 395 -27.31 29.20 13.83
C PRO A 395 -25.93 29.51 14.30
N ALA A 396 -25.40 30.54 13.70
CA ALA A 396 -24.05 30.95 13.96
C ALA A 396 -23.64 31.29 15.37
N ASP A 397 -24.60 31.59 16.22
CA ASP A 397 -24.26 31.99 17.59
C ASP A 397 -24.99 31.20 18.64
N PHE A 398 -25.65 30.15 18.18
CA PHE A 398 -26.42 29.28 19.04
C PHE A 398 -25.74 29.01 20.36
N ASN A 399 -26.42 29.44 21.42
CA ASN A 399 -25.97 29.31 22.81
C ASN A 399 -24.59 29.92 23.07
N GLY A 400 -24.39 31.15 22.61
CA GLY A 400 -23.14 31.83 22.86
C GLY A 400 -21.92 31.24 22.20
N GLY A 401 -22.03 30.01 21.71
CA GLY A 401 -20.91 29.38 21.02
C GLY A 401 -20.91 29.92 19.60
N SER A 402 -20.31 29.22 18.65
CA SER A 402 -20.34 29.73 17.29
C SER A 402 -20.14 28.64 16.27
N PHE A 403 -21.04 28.63 15.30
CA PHE A 403 -21.04 27.62 14.25
C PHE A 403 -20.88 28.21 12.84
N GLY A 404 -20.25 27.46 11.95
CA GLY A 404 -20.05 28.02 10.62
C GLY A 404 -18.69 28.68 10.48
N ARG A 405 -18.34 29.04 9.26
CA ARG A 405 -17.04 29.63 8.98
C ARG A 405 -16.95 31.10 9.28
N GLY A 406 -18.06 31.73 9.65
CA GLY A 406 -17.99 33.14 9.92
C GLY A 406 -18.17 34.07 8.73
N ASP A 407 -17.53 35.22 8.82
CA ASP A 407 -17.66 36.21 7.76
C ASP A 407 -16.29 36.83 7.54
N SER A 408 -15.48 36.17 6.71
CA SER A 408 -14.13 36.68 6.45
C SER A 408 -13.66 36.64 4.99
N ASP A 409 -12.34 36.63 4.88
CA ASP A 409 -11.61 36.73 3.64
C ASP A 409 -10.36 35.92 3.64
N GLU A 410 -9.74 35.82 2.46
CA GLU A 410 -8.45 35.14 2.33
C GLU A 410 -8.00 34.99 0.90
N TRP A 411 -6.70 34.81 0.74
CA TRP A 411 -6.15 34.61 -0.59
C TRP A 411 -4.95 33.68 -0.48
N THR A 412 -4.85 32.73 -1.41
CA THR A 412 -3.75 31.78 -1.42
C THR A 412 -3.15 31.81 -2.80
N PHE A 413 -2.02 31.14 -2.98
CA PHE A 413 -1.35 31.06 -4.27
C PHE A 413 -0.26 29.99 -4.31
N GLY A 414 0.05 29.51 -5.52
CA GLY A 414 1.09 28.48 -5.64
C GLY A 414 1.23 27.90 -7.03
N ALA A 415 1.81 26.71 -7.11
CA ALA A 415 2.05 26.01 -8.35
C ALA A 415 1.45 24.61 -8.22
N GLN A 416 0.90 24.06 -9.30
CA GLN A 416 0.29 22.71 -9.27
C GLN A 416 0.44 22.02 -10.64
N MET A 417 0.32 20.70 -10.65
CA MET A 417 0.41 19.88 -11.84
C MET A 417 -0.86 19.04 -11.80
N GLU A 418 -1.49 18.70 -12.90
CA GLU A 418 -2.67 17.80 -12.88
C GLU A 418 -2.68 16.97 -14.16
N ILE A 419 -3.06 15.71 -14.10
CA ILE A 419 -2.94 14.91 -15.33
C ILE A 419 -3.68 13.61 -15.39
N TRP A 420 -4.47 13.39 -16.45
CA TRP A 420 -5.06 12.05 -16.63
C TRP A 420 -4.36 11.40 -17.82
N TRP A 421 -4.10 10.11 -17.74
CA TRP A 421 -3.42 9.40 -18.81
C TRP A 421 -4.01 8.02 -19.02
N VAL B 1 8.78 -4.22 -19.03
CA VAL B 1 8.33 -4.74 -17.73
C VAL B 1 7.48 -5.98 -17.97
N ASP B 2 7.60 -6.98 -17.10
CA ASP B 2 6.80 -8.21 -17.17
C ASP B 2 5.64 -8.01 -16.20
N PHE B 3 4.45 -8.51 -16.48
CA PHE B 3 3.36 -8.28 -15.57
C PHE B 3 2.54 -9.55 -15.40
N HIS B 4 2.50 -10.04 -14.16
CA HIS B 4 1.75 -11.26 -13.86
C HIS B 4 1.08 -11.17 -12.53
N GLY B 5 0.17 -12.11 -12.28
CA GLY B 5 -0.53 -12.13 -11.01
C GLY B 5 -1.59 -13.21 -10.88
N TYR B 6 -2.51 -12.96 -9.94
CA TYR B 6 -3.66 -13.82 -9.64
C TYR B 6 -4.63 -12.80 -9.08
N ALA B 7 -5.92 -13.01 -9.25
CA ALA B 7 -6.89 -12.09 -8.67
C ALA B 7 -8.21 -12.76 -8.76
N ARG B 8 -9.10 -12.55 -7.79
CA ARG B 8 -10.45 -13.10 -7.79
C ARG B 8 -11.30 -11.98 -7.18
N SER B 9 -12.52 -11.77 -7.66
CA SER B 9 -13.38 -10.69 -7.16
C SER B 9 -14.83 -10.92 -7.55
N GLY B 10 -15.77 -10.43 -6.74
CA GLY B 10 -17.16 -10.71 -7.07
C GLY B 10 -18.25 -10.14 -6.19
N ILE B 11 -19.47 -10.67 -6.34
CA ILE B 11 -20.64 -10.22 -5.56
C ILE B 11 -21.57 -11.39 -5.30
N GLY B 12 -22.11 -11.48 -4.07
CA GLY B 12 -22.99 -12.59 -3.71
C GLY B 12 -24.05 -12.33 -2.65
N TRP B 13 -25.00 -13.26 -2.54
CA TRP B 13 -26.09 -13.14 -1.61
C TRP B 13 -26.32 -14.42 -0.81
N THR B 14 -26.76 -14.31 0.45
CA THR B 14 -27.07 -15.52 1.25
C THR B 14 -28.57 -15.82 1.19
N GLY B 15 -28.92 -17.07 0.92
CA GLY B 15 -30.32 -17.45 0.83
C GLY B 15 -31.19 -16.85 1.91
N SER B 16 -30.79 -17.06 3.18
CA SER B 16 -31.50 -16.57 4.39
C SER B 16 -31.54 -15.06 4.55
N GLY B 17 -30.46 -14.39 4.17
CA GLY B 17 -30.40 -12.94 4.28
C GLY B 17 -28.99 -12.35 4.25
N GLY B 18 -28.91 -11.13 3.70
CA GLY B 18 -27.66 -10.37 3.62
C GLY B 18 -26.57 -10.84 2.70
N GLU B 19 -25.40 -10.22 2.83
CA GLU B 19 -24.23 -10.57 2.04
C GLU B 19 -23.96 -12.07 2.08
N GLN B 20 -23.20 -12.59 1.14
CA GLN B 20 -22.96 -14.04 1.11
C GLN B 20 -21.98 -14.59 2.12
N GLN B 21 -22.19 -15.84 2.48
CA GLN B 21 -21.34 -16.51 3.44
C GLN B 21 -20.60 -17.68 2.87
N CYS B 22 -19.51 -18.00 3.53
CA CYS B 22 -18.67 -19.10 3.11
C CYS B 22 -18.70 -20.28 4.09
N PHE B 23 -18.49 -21.51 3.63
CA PHE B 23 -18.60 -22.65 4.54
C PHE B 23 -17.39 -23.52 4.73
N GLN B 24 -16.89 -23.60 5.95
CA GLN B 24 -15.72 -24.42 6.24
C GLN B 24 -15.86 -25.30 7.51
N THR B 25 -15.57 -26.59 7.42
CA THR B 25 -15.71 -27.45 8.58
C THR B 25 -14.74 -27.14 9.70
N THR B 26 -15.26 -26.95 10.92
CA THR B 26 -14.42 -26.63 12.10
C THR B 26 -13.41 -27.73 12.36
N GLY B 27 -12.13 -27.42 12.17
CA GLY B 27 -11.12 -28.45 12.37
C GLY B 27 -10.37 -28.77 11.08
N ALA B 28 -11.04 -28.59 9.94
CA ALA B 28 -10.44 -28.83 8.63
C ALA B 28 -9.61 -27.61 8.29
N GLN B 29 -8.57 -27.78 7.48
CA GLN B 29 -7.73 -26.64 7.11
C GLN B 29 -8.04 -26.14 5.69
N SER B 30 -9.27 -26.36 5.20
CA SER B 30 -9.62 -25.94 3.86
C SER B 30 -11.12 -26.00 3.58
N LYS B 31 -11.55 -25.37 2.49
CA LYS B 31 -12.96 -25.41 2.09
C LYS B 31 -13.02 -25.70 0.60
N TYR B 32 -14.16 -26.19 0.09
CA TYR B 32 -14.25 -26.45 -1.34
C TYR B 32 -14.61 -25.19 -2.06
N ARG B 33 -13.54 -24.65 -2.57
CA ARG B 33 -13.45 -23.44 -3.33
C ARG B 33 -14.61 -22.87 -4.15
N LEU B 34 -15.18 -23.61 -5.09
CA LEU B 34 -16.22 -23.05 -5.97
C LEU B 34 -17.43 -22.43 -5.35
N GLY B 35 -17.64 -21.17 -5.67
CA GLY B 35 -18.79 -20.47 -5.13
C GLY B 35 -18.80 -20.59 -3.62
N ASN B 36 -17.61 -20.47 -3.03
CA ASN B 36 -17.42 -20.56 -1.59
C ASN B 36 -16.20 -19.72 -1.19
N GLU B 37 -16.00 -18.59 -1.88
CA GLU B 37 -14.91 -17.65 -1.57
C GLU B 37 -15.55 -16.31 -1.33
N CYS B 38 -15.17 -15.67 -0.22
CA CYS B 38 -15.73 -14.40 0.21
C CYS B 38 -14.76 -13.15 0.31
N GLU B 39 -13.76 -13.00 -0.56
CA GLU B 39 -12.83 -11.85 -0.53
C GLU B 39 -12.41 -11.40 -1.93
N THR B 40 -11.76 -10.25 -2.05
CA THR B 40 -11.19 -9.83 -3.34
C THR B 40 -9.74 -9.99 -2.98
N TYR B 41 -9.06 -10.95 -3.59
CA TYR B 41 -7.66 -11.16 -3.28
C TYR B 41 -6.90 -10.90 -4.55
N ALA B 42 -5.69 -10.34 -4.49
CA ALA B 42 -4.95 -10.04 -5.71
C ALA B 42 -3.45 -9.84 -5.53
N GLU B 43 -2.63 -10.51 -6.36
CA GLU B 43 -1.16 -10.34 -6.31
C GLU B 43 -0.69 -9.65 -7.58
N LEU B 44 0.02 -8.53 -7.49
CA LEU B 44 0.48 -7.85 -8.69
C LEU B 44 1.96 -7.91 -8.84
N LYS B 45 2.43 -8.71 -9.78
CA LYS B 45 3.85 -8.87 -10.07
C LYS B 45 4.32 -7.99 -11.21
N LEU B 46 5.55 -7.49 -11.09
CA LEU B 46 6.21 -6.66 -12.08
C LEU B 46 7.66 -7.08 -12.04
N GLY B 47 8.06 -7.95 -12.97
CA GLY B 47 9.45 -8.43 -13.04
C GLY B 47 10.19 -8.01 -14.30
N GLN B 48 11.43 -8.45 -14.46
CA GLN B 48 12.19 -8.06 -15.63
C GLN B 48 13.60 -8.66 -15.71
N GLU B 49 14.00 -9.07 -16.92
CA GLU B 49 15.33 -9.67 -17.15
C GLU B 49 16.28 -8.52 -17.30
N VAL B 50 17.08 -8.25 -16.29
CA VAL B 50 17.92 -7.08 -16.41
C VAL B 50 19.25 -7.19 -17.12
N TRP B 51 19.73 -8.40 -17.42
CA TRP B 51 21.03 -8.54 -18.11
C TRP B 51 21.20 -9.93 -18.67
N LYS B 52 21.62 -10.02 -19.93
CA LYS B 52 21.82 -11.31 -20.59
C LYS B 52 23.07 -11.32 -21.45
N GLU B 53 23.85 -12.37 -21.38
CA GLU B 53 25.03 -12.47 -22.21
C GLU B 53 25.23 -13.89 -22.58
N GLY B 54 24.56 -14.25 -23.65
CA GLY B 54 24.67 -15.61 -24.11
C GLY B 54 23.74 -16.44 -23.28
N ASP B 55 24.31 -17.37 -22.52
CA ASP B 55 23.52 -18.28 -21.66
C ASP B 55 23.21 -17.60 -20.31
N LYS B 56 24.10 -16.70 -19.92
CA LYS B 56 24.00 -15.98 -18.68
C LYS B 56 22.97 -14.90 -18.67
N SER B 57 22.16 -14.90 -17.63
CA SER B 57 21.11 -13.89 -17.46
C SER B 57 20.84 -13.71 -15.98
N PHE B 58 20.37 -12.50 -15.63
CA PHE B 58 19.97 -12.06 -14.28
C PHE B 58 18.51 -11.59 -14.36
N TYR B 59 17.63 -12.25 -13.62
CA TYR B 59 16.21 -11.88 -13.59
C TYR B 59 15.76 -11.24 -12.26
N PHE B 60 14.95 -10.17 -12.34
CA PHE B 60 14.45 -9.47 -11.14
C PHE B 60 12.96 -9.65 -11.07
N ASP B 61 12.48 -10.16 -9.93
CA ASP B 61 11.03 -10.39 -9.71
C ASP B 61 10.48 -9.78 -8.42
N THR B 62 9.23 -9.33 -8.39
CA THR B 62 8.62 -8.73 -7.18
C THR B 62 7.12 -9.10 -7.05
N ASN B 63 6.54 -9.07 -5.85
CA ASN B 63 5.09 -9.40 -5.71
C ASN B 63 4.45 -8.55 -4.60
N VAL B 64 3.30 -7.93 -4.84
CA VAL B 64 2.63 -7.11 -3.83
C VAL B 64 1.17 -7.53 -3.72
N ALA B 65 0.79 -8.12 -2.57
CA ALA B 65 -0.57 -8.65 -2.34
C ALA B 65 -1.57 -7.75 -1.64
N TYR B 66 -2.82 -7.81 -2.11
CA TYR B 66 -3.91 -7.02 -1.59
C TYR B 66 -5.08 -7.94 -1.31
N SER B 67 -5.77 -7.72 -0.20
CA SER B 67 -6.92 -8.54 0.19
C SER B 67 -7.94 -7.61 0.82
N VAL B 68 -9.11 -7.43 0.20
CA VAL B 68 -10.12 -6.52 0.73
C VAL B 68 -11.46 -7.26 0.82
N ALA B 69 -12.44 -6.72 1.54
CA ALA B 69 -13.71 -7.45 1.73
C ALA B 69 -14.80 -7.28 0.72
N GLN B 70 -14.55 -6.47 -0.27
CA GLN B 70 -15.49 -6.22 -1.32
C GLN B 70 -16.90 -5.93 -0.88
N GLN B 71 -17.04 -5.01 0.05
CA GLN B 71 -18.35 -4.59 0.49
C GLN B 71 -18.51 -3.16 0.18
N ASN B 72 -17.45 -2.60 -0.38
CA ASN B 72 -17.47 -1.21 -0.77
C ASN B 72 -16.46 -0.84 -1.85
N ASP B 73 -16.57 0.38 -2.35
CA ASP B 73 -15.65 0.85 -3.37
C ASP B 73 -14.33 1.18 -2.70
N TRP B 74 -14.24 2.37 -2.11
CA TRP B 74 -13.02 2.76 -1.44
C TRP B 74 -12.72 1.90 -0.22
N GLU B 75 -11.83 0.95 -0.35
CA GLU B 75 -11.48 0.05 0.73
C GLU B 75 -10.00 0.11 0.96
N ALA B 76 -9.58 0.85 1.98
CA ALA B 76 -8.16 0.97 2.34
C ALA B 76 -7.65 -0.33 2.92
N THR B 77 -6.35 -0.58 2.79
CA THR B 77 -5.73 -1.82 3.27
C THR B 77 -4.21 -1.69 3.37
N ASP B 78 -3.59 -2.58 4.14
CA ASP B 78 -2.14 -2.60 4.30
C ASP B 78 -1.70 -3.74 3.36
N PRO B 79 -0.99 -3.40 2.29
CA PRO B 79 -0.56 -4.45 1.36
C PRO B 79 0.60 -5.24 1.88
N ALA B 80 0.78 -6.50 1.48
CA ALA B 80 1.93 -7.27 1.96
C ALA B 80 3.02 -7.29 0.89
N PHE B 81 4.25 -6.93 1.20
CA PHE B 81 5.32 -6.93 0.22
C PHE B 81 5.89 -8.31 0.30
N ARG B 82 5.32 -9.25 -0.45
CA ARG B 82 5.74 -10.67 -0.40
C ARG B 82 6.98 -11.22 -1.11
N GLU B 83 7.47 -10.59 -2.20
CA GLU B 83 8.69 -11.04 -2.86
C GLU B 83 9.46 -9.97 -3.61
N ALA B 84 10.77 -10.05 -3.48
CA ALA B 84 11.70 -9.14 -4.11
C ALA B 84 13.00 -9.88 -4.08
N ASN B 85 13.29 -10.57 -5.18
CA ASN B 85 14.51 -11.40 -5.31
C ASN B 85 15.22 -11.33 -6.69
N VAL B 86 16.46 -11.82 -6.74
CA VAL B 86 17.27 -11.85 -7.98
C VAL B 86 17.82 -13.23 -8.21
N GLN B 87 17.59 -13.77 -9.40
CA GLN B 87 18.07 -15.12 -9.75
C GLN B 87 19.00 -15.00 -10.94
N GLY B 88 20.16 -15.61 -10.83
CA GLY B 88 21.14 -15.56 -11.90
C GLY B 88 21.39 -16.96 -12.39
N LYS B 89 21.04 -17.24 -13.66
CA LYS B 89 21.22 -18.58 -14.24
C LYS B 89 22.52 -18.78 -15.00
N ASN B 90 23.05 -20.00 -14.92
CA ASN B 90 24.28 -20.38 -15.61
C ASN B 90 25.47 -19.55 -15.21
N LEU B 91 25.42 -18.84 -14.10
CA LEU B 91 26.57 -18.04 -13.74
C LEU B 91 27.76 -18.87 -13.20
N ILE B 92 27.52 -20.13 -12.80
CA ILE B 92 28.61 -20.99 -12.27
C ILE B 92 28.94 -22.10 -13.27
N GLU B 93 30.03 -21.88 -14.03
CA GLU B 93 30.54 -22.78 -15.08
C GLU B 93 30.45 -24.26 -14.69
N TRP B 94 31.19 -24.62 -13.62
CA TRP B 94 31.21 -26.00 -13.15
C TRP B 94 29.86 -26.71 -12.97
N LEU B 95 28.85 -26.08 -12.35
CA LEU B 95 27.53 -26.71 -12.21
C LEU B 95 26.66 -25.97 -13.25
N PRO B 96 26.57 -26.49 -14.47
CA PRO B 96 25.77 -25.82 -15.51
C PRO B 96 24.28 -26.02 -15.44
N GLY B 97 23.56 -25.00 -15.94
CA GLY B 97 22.10 -24.95 -15.95
C GLY B 97 21.44 -24.59 -14.62
N SER B 98 22.27 -24.37 -13.60
CA SER B 98 21.79 -24.06 -12.28
C SER B 98 21.81 -22.58 -12.00
N THR B 99 20.93 -22.21 -11.09
CA THR B 99 20.71 -20.85 -10.62
C THR B 99 21.09 -20.62 -9.16
N ILE B 100 21.51 -19.40 -8.85
CA ILE B 100 21.76 -19.03 -7.48
C ILE B 100 20.86 -17.83 -7.30
N TRP B 101 20.16 -17.76 -6.17
CA TRP B 101 19.25 -16.65 -5.91
C TRP B 101 19.31 -16.22 -4.45
N ALA B 102 18.84 -15.02 -4.17
CA ALA B 102 18.81 -14.46 -2.82
C ALA B 102 17.69 -13.41 -2.78
N GLY B 103 16.98 -13.34 -1.66
CA GLY B 103 15.89 -12.37 -1.52
C GLY B 103 14.60 -13.03 -1.11
N LYS B 104 13.54 -12.25 -0.92
CA LYS B 104 12.27 -12.86 -0.53
C LYS B 104 11.68 -13.48 -1.78
N ARG B 105 11.36 -14.77 -1.74
CA ARG B 105 10.82 -15.43 -2.91
C ARG B 105 9.89 -16.61 -2.64
N PHE B 106 8.79 -16.70 -3.38
CA PHE B 106 7.87 -17.86 -3.26
C PHE B 106 8.77 -18.97 -3.82
N TYR B 107 9.07 -20.06 -3.10
CA TYR B 107 9.99 -21.07 -3.62
C TYR B 107 9.46 -22.46 -3.82
N GLN B 108 9.16 -22.80 -5.07
CA GLN B 108 8.67 -24.13 -5.43
C GLN B 108 7.48 -24.66 -4.64
N ARG B 109 6.38 -23.92 -4.60
CA ARG B 109 5.23 -24.36 -3.82
C ARG B 109 4.43 -25.50 -4.48
N HIS B 110 3.85 -26.41 -3.71
CA HIS B 110 3.03 -27.53 -4.24
C HIS B 110 1.62 -27.38 -3.61
N ASP B 111 0.56 -27.24 -4.41
CA ASP B 111 -0.76 -27.06 -3.83
C ASP B 111 -1.84 -27.89 -4.46
N VAL B 112 -3.09 -27.76 -4.01
CA VAL B 112 -4.21 -28.53 -4.52
C VAL B 112 -5.39 -27.57 -4.81
N HIS B 113 -5.39 -26.96 -5.98
CA HIS B 113 -6.41 -25.97 -6.40
C HIS B 113 -7.87 -26.00 -5.90
N MET B 114 -8.60 -27.09 -6.08
CA MET B 114 -10.00 -27.04 -5.67
C MET B 114 -10.23 -26.82 -4.18
N ILE B 115 -9.23 -27.10 -3.37
CA ILE B 115 -9.38 -26.86 -1.97
C ILE B 115 -8.40 -25.79 -1.54
N ASP B 116 -7.73 -25.14 -2.49
CA ASP B 116 -6.75 -24.08 -2.19
C ASP B 116 -5.87 -24.48 -1.04
N PHE B 117 -5.33 -25.68 -1.09
CA PHE B 117 -4.54 -26.16 0.00
C PHE B 117 -3.06 -26.27 -0.34
N TYR B 118 -2.19 -25.47 0.24
CA TYR B 118 -0.76 -25.62 -0.07
C TYR B 118 -0.05 -26.69 0.80
N TYR B 119 0.31 -27.83 0.26
CA TYR B 119 0.92 -28.87 1.09
C TYR B 119 2.44 -28.95 1.20
N TRP B 120 3.20 -28.08 0.54
CA TRP B 120 4.67 -28.08 0.66
C TRP B 120 5.03 -26.70 0.19
N ASP B 121 5.25 -25.78 1.13
CA ASP B 121 5.52 -24.38 0.83
C ASP B 121 6.43 -23.74 1.89
N ILE B 122 7.71 -23.51 1.59
CA ILE B 122 8.60 -22.89 2.55
C ILE B 122 9.05 -21.49 2.14
N SER B 123 8.23 -20.79 1.37
CA SER B 123 8.66 -19.47 0.91
C SER B 123 8.87 -18.43 2.02
N GLY B 124 9.65 -17.39 1.71
CA GLY B 124 9.94 -16.31 2.65
C GLY B 124 11.31 -15.75 2.31
N PRO B 125 12.00 -14.97 3.16
CA PRO B 125 13.32 -14.44 2.83
C PRO B 125 14.23 -15.64 2.72
N GLY B 126 15.28 -15.59 1.91
CA GLY B 126 16.14 -16.77 1.80
C GLY B 126 17.13 -16.71 0.68
N ALA B 127 17.78 -17.84 0.43
CA ALA B 127 18.79 -17.93 -0.61
C ALA B 127 19.02 -19.40 -0.93
N GLY B 128 19.57 -19.69 -2.12
CA GLY B 128 19.87 -21.07 -2.54
C GLY B 128 20.53 -21.31 -3.92
N LEU B 129 21.02 -22.55 -4.14
CA LEU B 129 21.67 -23.01 -5.40
C LEU B 129 20.68 -23.97 -6.03
N GLU B 130 19.94 -23.51 -7.02
CA GLU B 130 18.87 -24.29 -7.64
C GLU B 130 19.16 -25.04 -8.93
N ASN B 131 18.59 -26.25 -9.04
CA ASN B 131 18.71 -27.09 -10.23
C ASN B 131 20.07 -27.59 -10.68
N ILE B 132 20.79 -28.17 -9.74
CA ILE B 132 22.09 -28.76 -10.01
C ILE B 132 21.75 -30.09 -10.67
N ASP B 133 22.46 -30.41 -11.75
CA ASP B 133 22.21 -31.68 -12.47
C ASP B 133 23.01 -32.85 -11.91
N VAL B 134 22.35 -33.77 -11.22
CA VAL B 134 23.00 -34.93 -10.62
C VAL B 134 22.93 -36.18 -11.54
N GLY B 135 22.74 -35.97 -12.83
CA GLY B 135 22.69 -37.10 -13.74
C GLY B 135 21.35 -37.84 -13.81
N PHE B 136 21.02 -38.60 -12.78
CA PHE B 136 19.74 -39.31 -12.76
C PHE B 136 18.57 -38.39 -12.42
N GLY B 137 18.90 -37.18 -11.97
CA GLY B 137 17.90 -36.20 -11.62
C GLY B 137 18.54 -34.89 -11.20
N LYS B 138 17.67 -33.92 -10.91
CA LYS B 138 18.05 -32.58 -10.47
C LYS B 138 17.95 -32.39 -8.96
N LEU B 139 19.03 -31.84 -8.38
CA LEU B 139 19.17 -31.61 -6.94
C LEU B 139 19.30 -30.13 -6.61
N SER B 140 18.36 -29.62 -5.79
CA SER B 140 18.38 -28.21 -5.35
C SER B 140 18.61 -28.05 -3.80
N LEU B 141 19.24 -26.95 -3.40
CA LEU B 141 19.54 -26.63 -1.99
C LEU B 141 19.09 -25.18 -1.65
N ALA B 142 18.38 -25.00 -0.50
CA ALA B 142 17.87 -23.67 -0.02
C ALA B 142 17.74 -23.55 1.48
N ALA B 143 17.76 -22.30 1.95
CA ALA B 143 17.59 -21.97 3.37
C ALA B 143 16.58 -20.80 3.44
N THR B 144 15.44 -21.01 4.08
CA THR B 144 14.50 -19.90 4.21
C THR B 144 14.25 -19.62 5.68
N ARG B 145 13.58 -18.51 5.97
CA ARG B 145 13.27 -18.06 7.32
C ARG B 145 11.83 -17.69 7.65
N SER B 146 11.50 -17.85 8.92
CA SER B 146 10.21 -17.49 9.48
C SER B 146 10.58 -17.04 10.89
N SER B 147 9.63 -16.39 11.55
CA SER B 147 9.86 -15.95 12.92
C SER B 147 8.49 -15.84 13.59
N GLU B 148 8.33 -16.49 14.73
CA GLU B 148 7.07 -16.45 15.47
C GLU B 148 7.02 -15.23 16.38
N ALA B 149 5.81 -14.65 16.53
CA ALA B 149 5.51 -13.41 17.30
C ALA B 149 6.16 -13.15 18.64
N GLY B 150 6.33 -14.21 19.43
CA GLY B 150 6.99 -14.11 20.70
C GLY B 150 7.30 -15.54 21.08
N GLY B 151 8.03 -15.75 22.16
CA GLY B 151 8.31 -17.12 22.58
C GLY B 151 9.62 -17.34 23.26
N SER B 152 10.39 -16.28 23.41
CA SER B 152 11.69 -16.38 24.05
C SER B 152 11.73 -15.47 25.24
N SER B 153 12.62 -15.76 26.21
CA SER B 153 12.74 -14.90 27.39
C SER B 153 14.15 -14.40 27.58
N SER B 154 14.28 -13.13 27.98
CA SER B 154 15.59 -12.50 28.18
C SER B 154 16.35 -13.16 29.31
N PHE B 155 15.61 -13.58 30.34
CA PHE B 155 16.14 -14.26 31.55
C PHE B 155 15.35 -15.54 31.75
N ALA B 156 15.71 -16.32 32.77
CA ALA B 156 14.98 -17.57 33.02
C ALA B 156 13.81 -17.36 33.98
N SER B 157 12.58 -17.41 33.46
CA SER B 157 11.40 -17.27 34.30
C SER B 157 10.67 -18.60 34.30
N ASN B 158 9.65 -18.69 35.14
CA ASN B 158 8.82 -19.89 35.19
C ASN B 158 7.47 -19.40 34.69
N ASN B 159 7.37 -18.09 34.49
CA ASN B 159 6.12 -17.51 34.03
C ASN B 159 6.07 -17.45 32.51
N ILE B 160 5.09 -18.12 31.92
CA ILE B 160 5.00 -18.14 30.48
C ILE B 160 4.78 -16.75 29.96
N TYR B 161 4.30 -15.85 30.81
CA TYR B 161 4.04 -14.50 30.36
C TYR B 161 5.33 -13.70 30.14
N ASP B 162 6.49 -14.31 30.37
CA ASP B 162 7.76 -13.62 30.18
C ASP B 162 8.42 -13.93 28.83
N TYR B 163 7.79 -14.89 28.15
CA TYR B 163 8.21 -15.40 26.86
C TYR B 163 7.49 -14.65 25.73
N THR B 164 7.86 -13.37 25.60
CA THR B 164 7.23 -12.54 24.61
C THR B 164 8.11 -12.00 23.51
N ASN B 165 9.35 -12.50 23.45
CA ASN B 165 10.27 -12.07 22.42
C ASN B 165 10.07 -12.87 21.14
N GLU B 166 10.06 -12.16 20.01
CA GLU B 166 9.91 -12.77 18.70
C GLU B 166 11.02 -13.83 18.64
N THR B 167 10.69 -15.02 18.14
CA THR B 167 11.66 -16.10 18.05
C THR B 167 11.78 -16.62 16.60
N ALA B 168 12.98 -16.48 16.05
CA ALA B 168 13.30 -16.87 14.68
C ALA B 168 13.49 -18.35 14.47
N ASN B 169 13.07 -18.84 13.31
CA ASN B 169 13.24 -20.26 12.98
C ASN B 169 13.85 -20.39 11.58
N ASP B 170 14.86 -21.24 11.40
CA ASP B 170 15.47 -21.44 10.09
C ASP B 170 15.01 -22.77 9.53
N VAL B 171 14.98 -22.90 8.20
CA VAL B 171 14.61 -24.17 7.57
C VAL B 171 15.69 -24.45 6.54
N PHE B 172 16.10 -25.72 6.48
CA PHE B 172 17.10 -26.17 5.54
C PHE B 172 16.44 -27.22 4.73
N ASP B 173 16.46 -26.98 3.43
CA ASP B 173 15.77 -27.82 2.48
C ASP B 173 16.68 -28.47 1.44
N VAL B 174 16.35 -29.72 1.07
CA VAL B 174 17.09 -30.47 0.05
C VAL B 174 16.10 -31.31 -0.74
N ARG B 175 16.08 -31.15 -2.06
CA ARG B 175 15.18 -31.97 -2.86
C ARG B 175 15.95 -32.60 -4.01
N LEU B 176 15.47 -33.76 -4.44
CA LEU B 176 16.04 -34.50 -5.56
C LEU B 176 14.83 -34.81 -6.42
N ALA B 177 14.80 -34.24 -7.62
CA ALA B 177 13.61 -34.45 -8.44
C ALA B 177 13.80 -34.89 -9.89
N GLN B 178 12.66 -34.97 -10.58
CA GLN B 178 12.59 -35.40 -11.98
C GLN B 178 13.25 -36.79 -12.22
N MET B 179 13.20 -37.69 -11.23
CA MET B 179 13.74 -39.05 -11.40
C MET B 179 12.61 -39.85 -12.00
N GLU B 180 12.90 -40.55 -13.11
CA GLU B 180 11.86 -41.36 -13.78
C GLU B 180 11.77 -42.78 -13.22
N ILE B 181 11.19 -42.94 -12.02
CA ILE B 181 11.05 -44.26 -11.42
C ILE B 181 10.35 -45.17 -12.43
N ASN B 182 9.35 -44.67 -13.15
CA ASN B 182 8.68 -45.53 -14.14
C ASN B 182 8.40 -44.77 -15.44
N PRO B 183 7.77 -45.45 -16.42
CA PRO B 183 7.46 -44.78 -17.69
C PRO B 183 6.19 -43.99 -17.51
N GLY B 184 6.31 -42.67 -17.64
CA GLY B 184 5.16 -41.80 -17.48
C GLY B 184 5.13 -41.14 -16.11
N GLY B 185 5.87 -41.75 -15.20
CA GLY B 185 5.92 -41.24 -13.85
C GLY B 185 7.27 -40.72 -13.45
N THR B 186 7.25 -39.86 -12.43
CA THR B 186 8.45 -39.27 -11.89
C THR B 186 8.37 -39.29 -10.38
N LEU B 187 9.53 -39.13 -9.76
CA LEU B 187 9.63 -39.15 -8.31
C LEU B 187 10.51 -38.03 -7.74
N GLU B 188 9.95 -37.28 -6.77
CA GLU B 188 10.67 -36.20 -6.08
C GLU B 188 10.75 -36.59 -4.61
N LEU B 189 11.90 -36.32 -4.01
CA LEU B 189 12.10 -36.64 -2.63
C LEU B 189 12.67 -35.41 -1.95
N GLY B 190 12.22 -35.10 -0.75
CA GLY B 190 12.75 -33.94 -0.09
C GLY B 190 12.83 -34.07 1.41
N VAL B 191 13.83 -33.42 1.98
CA VAL B 191 14.03 -33.42 3.40
C VAL B 191 14.11 -31.99 3.89
N ASP B 192 13.33 -31.72 4.93
CA ASP B 192 13.30 -30.41 5.59
C ASP B 192 13.66 -30.50 7.07
N TYR B 193 14.62 -29.69 7.52
CA TYR B 193 14.99 -29.69 8.93
C TYR B 193 14.93 -28.28 9.49
N GLY B 194 14.01 -28.04 10.42
CA GLY B 194 13.84 -26.70 10.98
C GLY B 194 14.13 -26.62 12.46
N ARG B 195 14.46 -25.43 12.95
CA ARG B 195 14.82 -25.27 14.35
C ARG B 195 14.71 -23.80 14.79
N ALA B 196 14.27 -23.53 16.03
CA ALA B 196 14.21 -22.16 16.54
C ALA B 196 15.66 -21.78 16.81
N ASN B 197 16.07 -20.60 16.35
CA ASN B 197 17.44 -20.12 16.47
C ASN B 197 17.47 -19.00 17.52
N LEU B 198 17.84 -19.34 18.76
CA LEU B 198 17.84 -18.38 19.87
C LEU B 198 18.93 -17.34 19.97
N ARG B 199 18.56 -16.12 20.34
CA ARG B 199 19.51 -15.01 20.49
C ARG B 199 20.48 -15.38 21.59
N ASP B 200 21.68 -14.81 21.60
CA ASP B 200 22.63 -15.15 22.67
C ASP B 200 21.97 -14.82 23.99
N ASN B 201 21.92 -15.81 24.87
CA ASN B 201 21.33 -15.70 26.22
C ASN B 201 19.83 -16.00 26.36
N TYR B 202 19.01 -15.78 25.32
CA TYR B 202 17.59 -16.07 25.48
C TYR B 202 17.31 -17.56 25.67
N ARG B 203 16.14 -17.87 26.23
CA ARG B 203 15.75 -19.25 26.52
C ARG B 203 14.32 -19.52 26.10
N LEU B 204 14.05 -20.77 25.77
CA LEU B 204 12.70 -21.19 25.39
C LEU B 204 12.04 -21.77 26.64
N VAL B 205 10.73 -22.02 26.55
CA VAL B 205 9.97 -22.61 27.65
C VAL B 205 10.50 -24.02 27.94
N ASP B 206 10.07 -24.60 29.06
CA ASP B 206 10.50 -25.95 29.40
C ASP B 206 9.64 -26.91 28.60
N GLY B 207 10.26 -27.85 27.92
CA GLY B 207 9.50 -28.81 27.15
C GLY B 207 9.17 -28.39 25.73
N ALA B 208 9.55 -27.16 25.37
CA ALA B 208 9.33 -26.63 24.04
C ALA B 208 9.95 -27.61 23.06
N SER B 209 9.25 -27.86 21.95
CA SER B 209 9.70 -28.79 20.91
C SER B 209 11.06 -28.43 20.31
N LYS B 210 11.26 -27.15 20.02
CA LYS B 210 12.53 -26.64 19.49
C LYS B 210 12.88 -26.85 18.03
N ASP B 211 12.82 -28.09 17.52
CA ASP B 211 13.15 -28.35 16.12
C ASP B 211 12.28 -29.43 15.51
N GLY B 212 12.67 -29.99 14.36
CA GLY B 212 11.84 -31.03 13.76
C GLY B 212 12.13 -31.47 12.33
N TRP B 213 11.32 -32.40 11.79
CA TRP B 213 11.50 -32.92 10.42
C TRP B 213 10.24 -33.07 9.59
N LEU B 214 10.41 -32.87 8.29
CA LEU B 214 9.30 -33.08 7.34
C LEU B 214 9.90 -33.90 6.21
N PHE B 215 9.25 -35.01 5.87
CA PHE B 215 9.76 -35.84 4.81
C PHE B 215 8.67 -35.94 3.75
N THR B 216 9.03 -35.57 2.52
CA THR B 216 8.07 -35.59 1.40
C THR B 216 8.53 -36.52 0.28
N ALA B 217 7.56 -37.17 -0.36
CA ALA B 217 7.80 -38.04 -1.52
C ALA B 217 6.56 -37.89 -2.38
N GLU B 218 6.76 -37.37 -3.59
CA GLU B 218 5.65 -37.13 -4.50
C GLU B 218 5.82 -37.79 -5.88
N HIS B 219 4.87 -38.64 -6.27
CA HIS B 219 4.93 -39.30 -7.57
C HIS B 219 3.90 -38.76 -8.58
N THR B 220 4.40 -38.32 -9.74
CA THR B 220 3.52 -37.78 -10.78
C THR B 220 3.40 -38.71 -11.97
N GLN B 221 2.19 -39.13 -12.25
CA GLN B 221 1.95 -40.02 -13.37
C GLN B 221 1.14 -39.31 -14.42
N SER B 222 1.58 -39.42 -15.67
CA SER B 222 0.85 -38.80 -16.76
C SER B 222 -0.34 -39.71 -17.12
N VAL B 223 -1.54 -39.15 -17.20
CA VAL B 223 -2.73 -39.98 -17.46
C VAL B 223 -3.80 -39.20 -18.19
N LEU B 224 -4.77 -39.91 -18.76
CA LEU B 224 -5.89 -39.30 -19.48
C LEU B 224 -5.76 -37.88 -20.00
N LYS B 225 -4.62 -37.60 -20.63
CA LYS B 225 -4.34 -36.26 -21.18
C LYS B 225 -4.22 -35.24 -20.05
N GLY B 226 -3.96 -35.73 -18.85
CA GLY B 226 -3.85 -34.87 -17.68
C GLY B 226 -2.78 -35.44 -16.80
N PHE B 227 -3.01 -35.52 -15.49
CA PHE B 227 -2.03 -36.10 -14.57
C PHE B 227 -2.64 -36.50 -13.25
N ASN B 228 -1.83 -37.20 -12.46
CA ASN B 228 -2.22 -37.65 -11.15
C ASN B 228 -1.01 -37.62 -10.21
N LYS B 229 -1.21 -36.99 -9.04
CA LYS B 229 -0.17 -36.91 -8.03
C LYS B 229 -0.59 -37.70 -6.81
N PHE B 230 0.38 -38.38 -6.23
CA PHE B 230 0.15 -39.19 -5.05
C PHE B 230 1.28 -38.79 -4.12
N VAL B 231 0.89 -38.21 -2.98
CA VAL B 231 1.86 -37.75 -1.99
C VAL B 231 1.73 -38.47 -0.70
N VAL B 232 2.84 -38.50 0.01
CA VAL B 232 2.90 -39.09 1.31
C VAL B 232 3.91 -38.23 2.04
N GLN B 233 3.53 -37.69 3.21
CA GLN B 233 4.43 -36.85 4.00
C GLN B 233 4.45 -37.24 5.47
N TYR B 234 5.56 -36.93 6.14
CA TYR B 234 5.71 -37.26 7.56
C TYR B 234 6.44 -36.17 8.31
N ALA B 235 5.75 -35.62 9.31
CA ALA B 235 6.32 -34.54 10.08
C ALA B 235 6.50 -34.88 11.56
N THR B 236 7.45 -34.17 12.11
CA THR B 236 7.84 -34.39 13.45
C THR B 236 7.99 -33.16 14.29
N ASP B 237 7.20 -33.09 15.35
CA ASP B 237 7.28 -31.99 16.33
C ASP B 237 7.10 -30.58 15.84
N SER B 238 8.16 -29.77 15.94
CA SER B 238 8.09 -28.37 15.57
C SER B 238 7.68 -28.07 14.14
N MET B 239 7.40 -29.13 13.38
CA MET B 239 6.96 -29.02 12.00
C MET B 239 5.49 -29.47 11.81
N THR B 240 4.83 -29.91 12.89
CA THR B 240 3.47 -30.42 12.81
C THR B 240 2.38 -29.38 12.80
N SER B 241 2.64 -28.26 13.49
CA SER B 241 1.63 -27.20 13.59
C SER B 241 1.41 -26.47 12.29
N GLN B 242 2.47 -25.97 11.63
CA GLN B 242 2.27 -25.32 10.32
C GLN B 242 1.99 -26.41 9.24
N GLY B 243 2.86 -27.44 9.20
CA GLY B 243 2.66 -28.60 8.32
C GLY B 243 2.76 -28.43 6.84
N LYS B 244 3.67 -27.54 6.43
CA LYS B 244 3.94 -27.22 5.05
C LYS B 244 5.42 -27.07 4.88
N GLY B 245 6.15 -27.12 5.98
CA GLY B 245 7.59 -26.99 5.87
C GLY B 245 8.20 -25.93 6.75
N LEU B 246 7.33 -25.14 7.38
CA LEU B 246 7.82 -24.09 8.26
C LEU B 246 7.83 -24.50 9.72
N SER B 247 8.84 -24.02 10.47
CA SER B 247 9.01 -24.37 11.88
C SER B 247 8.54 -23.40 12.98
N GLN B 248 7.96 -23.96 14.03
CA GLN B 248 7.46 -23.20 15.17
C GLN B 248 7.88 -23.91 16.46
N GLY B 249 9.18 -23.90 16.72
CA GLY B 249 9.71 -24.60 17.87
C GLY B 249 9.55 -23.97 19.22
N SER B 250 8.81 -22.87 19.34
CA SER B 250 8.65 -22.20 20.64
C SER B 250 7.46 -22.66 21.48
N GLY B 251 6.39 -23.09 20.83
CA GLY B 251 5.22 -23.56 21.56
C GLY B 251 4.36 -22.57 22.33
N VAL B 252 4.58 -21.27 22.12
CA VAL B 252 3.86 -20.18 22.78
C VAL B 252 2.98 -19.38 21.79
N ALA B 253 1.70 -19.26 22.12
CA ALA B 253 0.75 -18.50 21.33
C ALA B 253 0.32 -17.29 22.15
N PHE B 254 -0.58 -16.47 21.61
CA PHE B 254 -1.07 -15.30 22.32
C PHE B 254 -2.55 -15.02 22.10
N ASP B 255 -3.26 -14.65 23.16
CA ASP B 255 -4.69 -14.32 23.06
C ASP B 255 -4.84 -12.93 22.45
N ASN B 256 -6.06 -12.46 22.23
CA ASN B 256 -6.21 -11.12 21.67
C ASN B 256 -5.91 -10.05 22.71
N GLU B 257 -5.66 -10.48 23.95
CA GLU B 257 -5.36 -9.57 25.05
C GLU B 257 -3.87 -9.62 25.42
N LYS B 258 -3.03 -10.04 24.47
CA LYS B 258 -1.58 -10.12 24.65
C LYS B 258 -1.08 -11.07 25.76
N PHE B 259 -1.89 -12.08 26.09
CA PHE B 259 -1.51 -13.05 27.11
C PHE B 259 -0.93 -14.30 26.50
N ALA B 260 0.28 -14.65 26.89
CA ALA B 260 0.89 -15.83 26.32
C ALA B 260 0.24 -17.11 26.77
N TYR B 261 0.06 -18.05 25.86
CA TYR B 261 -0.46 -19.36 26.22
C TYR B 261 0.31 -20.49 25.54
N ASN B 262 0.20 -21.70 26.05
CA ASN B 262 1.02 -22.78 25.55
C ASN B 262 0.40 -23.75 24.55
N ILE B 263 0.91 -23.68 23.31
CA ILE B 263 0.44 -24.51 22.21
C ILE B 263 1.26 -25.80 21.92
N ASN B 264 2.36 -26.03 22.63
CA ASN B 264 3.25 -27.21 22.44
C ASN B 264 2.84 -28.26 21.40
N ASN B 265 3.72 -28.40 20.41
CA ASN B 265 3.50 -29.29 19.27
C ASN B 265 4.30 -30.57 19.16
N ASN B 266 4.88 -31.06 20.26
CA ASN B 266 5.60 -32.34 20.20
C ASN B 266 4.58 -33.38 19.82
N GLY B 267 4.92 -34.17 18.82
CA GLY B 267 4.01 -35.18 18.34
C GLY B 267 4.45 -35.52 16.93
N HIS B 268 3.50 -35.79 16.03
CA HIS B 268 3.86 -36.08 14.66
C HIS B 268 2.63 -35.97 13.77
N MET B 269 2.89 -35.94 12.46
CA MET B 269 1.80 -35.87 11.50
C MET B 269 2.05 -36.80 10.31
N LEU B 270 0.98 -37.39 9.80
CA LEU B 270 1.08 -38.29 8.67
C LEU B 270 0.09 -37.85 7.62
N ARG B 271 0.59 -37.57 6.41
CA ARG B 271 -0.29 -37.12 5.32
C ARG B 271 -0.28 -38.06 4.11
N ILE B 272 -1.47 -38.43 3.64
CA ILE B 272 -1.61 -39.28 2.45
C ILE B 272 -2.60 -38.55 1.51
N LEU B 273 -2.07 -38.10 0.37
CA LEU B 273 -2.82 -37.29 -0.60
C LEU B 273 -2.75 -37.81 -2.03
N ASP B 274 -3.86 -37.67 -2.74
CA ASP B 274 -3.91 -38.02 -4.14
C ASP B 274 -4.90 -37.09 -4.81
N HIS B 275 -4.38 -36.33 -5.78
CA HIS B 275 -5.19 -35.39 -6.54
C HIS B 275 -4.77 -35.36 -7.99
N GLY B 276 -5.68 -34.87 -8.84
CA GLY B 276 -5.37 -34.73 -10.25
C GLY B 276 -6.50 -34.17 -11.10
N ALA B 277 -6.21 -34.05 -12.39
CA ALA B 277 -7.19 -33.57 -13.36
C ALA B 277 -7.00 -34.44 -14.61
N ILE B 278 -8.11 -34.92 -15.15
CA ILE B 278 -8.08 -35.77 -16.32
C ILE B 278 -9.16 -35.30 -17.27
N SER B 279 -8.95 -35.55 -18.57
CA SER B 279 -9.90 -35.22 -19.63
C SER B 279 -10.40 -36.58 -20.13
N MET B 280 -11.72 -36.67 -20.31
CA MET B 280 -12.32 -37.93 -20.79
C MET B 280 -13.10 -37.62 -22.08
N GLY B 281 -12.39 -37.77 -23.20
CA GLY B 281 -13.04 -37.45 -24.46
C GLY B 281 -12.82 -36.00 -24.85
N ASP B 282 -13.83 -35.36 -25.43
CA ASP B 282 -13.68 -33.98 -25.86
C ASP B 282 -14.62 -33.04 -25.13
N ASN B 283 -15.69 -33.58 -24.56
CA ASN B 283 -16.69 -32.77 -23.88
C ASN B 283 -16.66 -32.74 -22.31
N TRP B 284 -15.67 -33.39 -21.71
CA TRP B 284 -15.57 -33.41 -20.24
C TRP B 284 -14.17 -33.30 -19.71
N ASP B 285 -14.09 -32.62 -18.56
CA ASP B 285 -12.85 -32.43 -17.80
C ASP B 285 -13.27 -32.64 -16.38
N MET B 286 -12.35 -33.07 -15.52
CA MET B 286 -12.71 -33.27 -14.14
C MET B 286 -11.53 -33.33 -13.19
N MET B 287 -11.51 -32.45 -12.16
CA MET B 287 -10.45 -32.46 -11.13
C MET B 287 -10.99 -33.30 -9.95
N TYR B 288 -10.08 -33.83 -9.12
CA TYR B 288 -10.48 -34.65 -7.98
C TYR B 288 -9.42 -34.67 -6.84
N VAL B 289 -9.86 -34.76 -5.57
CA VAL B 289 -8.97 -34.87 -4.40
C VAL B 289 -9.49 -35.92 -3.45
N GLY B 290 -8.51 -36.50 -2.77
CA GLY B 290 -8.78 -37.48 -1.74
C GLY B 290 -7.63 -37.33 -0.75
N MET B 291 -7.93 -37.06 0.53
CA MET B 291 -6.85 -36.92 1.52
C MET B 291 -7.22 -37.40 2.91
N TYR B 292 -6.20 -37.89 3.62
CA TYR B 292 -6.37 -38.29 4.99
C TYR B 292 -5.19 -37.73 5.75
N GLN B 293 -5.47 -36.88 6.74
CA GLN B 293 -4.40 -36.24 7.52
C GLN B 293 -4.62 -36.48 8.99
N ASP B 294 -3.58 -36.91 9.69
CA ASP B 294 -3.66 -37.21 11.11
C ASP B 294 -2.53 -36.55 11.89
N ILE B 295 -2.91 -35.56 12.70
CA ILE B 295 -1.95 -34.86 13.55
C ILE B 295 -2.18 -35.45 14.91
N ASN B 296 -1.14 -36.09 15.44
CA ASN B 296 -1.23 -36.70 16.73
C ASN B 296 -0.28 -35.98 17.65
N TRP B 297 -0.83 -35.27 18.64
CA TRP B 297 0.06 -34.54 19.55
C TRP B 297 0.10 -35.16 20.93
N ASP B 298 1.24 -34.97 21.60
CA ASP B 298 1.42 -35.46 22.95
C ASP B 298 0.41 -34.75 23.79
N ASN B 299 0.27 -33.46 23.54
CA ASN B 299 -0.65 -32.65 24.28
C ASN B 299 -2.12 -33.07 24.13
N ASP B 300 -2.36 -34.12 23.35
CA ASP B 300 -3.71 -34.64 23.18
C ASP B 300 -4.78 -33.78 22.50
N ASN B 301 -4.36 -32.69 21.89
CA ASN B 301 -5.33 -31.83 21.21
C ASN B 301 -5.33 -31.92 19.68
N GLY B 302 -4.65 -32.94 19.11
CA GLY B 302 -4.62 -33.12 17.66
C GLY B 302 -5.98 -33.36 17.02
N THR B 303 -5.99 -33.76 15.75
CA THR B 303 -7.23 -34.05 15.00
C THR B 303 -6.95 -35.08 13.89
N LYS B 304 -8.00 -35.72 13.35
CA LYS B 304 -7.86 -36.71 12.26
C LYS B 304 -8.90 -36.28 11.20
N TRP B 305 -8.37 -35.82 10.05
CA TRP B 305 -9.14 -35.26 8.91
C TRP B 305 -9.26 -36.15 7.67
N TRP B 306 -10.42 -36.06 7.01
CA TRP B 306 -10.73 -36.81 5.78
C TRP B 306 -11.46 -35.93 4.75
N THR B 307 -11.00 -35.92 3.49
CA THR B 307 -11.71 -35.16 2.44
C THR B 307 -11.76 -35.87 1.13
N VAL B 308 -12.78 -35.52 0.35
CA VAL B 308 -12.98 -36.05 -0.98
C VAL B 308 -13.94 -35.13 -1.67
N GLY B 309 -13.65 -34.90 -2.94
CA GLY B 309 -14.49 -34.05 -3.75
C GLY B 309 -14.07 -34.22 -5.20
N ILE B 310 -14.93 -33.79 -6.11
CA ILE B 310 -14.66 -33.88 -7.54
C ILE B 310 -15.23 -32.66 -8.20
N ARG B 311 -14.56 -32.17 -9.24
CA ARG B 311 -15.06 -31.00 -9.98
C ARG B 311 -15.08 -31.35 -11.44
N PRO B 312 -16.24 -31.80 -11.93
CA PRO B 312 -16.40 -32.19 -13.32
C PRO B 312 -16.93 -31.04 -14.15
N MET B 313 -16.28 -30.79 -15.28
CA MET B 313 -16.65 -29.71 -16.18
C MET B 313 -17.19 -30.35 -17.44
N TYR B 314 -18.31 -29.85 -17.94
CA TYR B 314 -18.86 -30.39 -19.19
C TYR B 314 -19.02 -29.18 -20.13
N LYS B 315 -18.42 -29.25 -21.32
CA LYS B 315 -18.43 -28.09 -22.23
C LYS B 315 -19.34 -27.97 -23.43
N TRP B 316 -20.35 -27.12 -23.32
CA TRP B 316 -21.28 -26.88 -24.41
C TRP B 316 -20.62 -26.33 -25.66
N THR B 317 -19.75 -25.38 -25.45
CA THR B 317 -19.08 -24.66 -26.49
C THR B 317 -17.64 -24.66 -26.13
N PRO B 318 -16.76 -24.22 -27.05
CA PRO B 318 -15.36 -24.22 -26.65
C PRO B 318 -15.13 -23.18 -25.55
N ILE B 319 -16.04 -22.21 -25.42
CA ILE B 319 -15.90 -21.21 -24.38
C ILE B 319 -17.09 -21.03 -23.43
N MET B 320 -17.98 -22.02 -23.30
CA MET B 320 -19.11 -21.93 -22.37
C MET B 320 -19.32 -23.31 -21.77
N SER B 321 -19.32 -23.41 -20.44
CA SER B 321 -19.48 -24.72 -19.80
C SER B 321 -20.29 -24.64 -18.57
N THR B 322 -20.51 -25.82 -18.01
CA THR B 322 -21.24 -25.94 -16.78
C THR B 322 -20.33 -26.70 -15.87
N VAL B 323 -19.94 -26.07 -14.75
CA VAL B 323 -19.05 -26.70 -13.77
C VAL B 323 -19.87 -27.13 -12.57
N MET B 324 -19.37 -28.14 -11.88
CA MET B 324 -20.03 -28.63 -10.69
C MET B 324 -18.98 -29.14 -9.72
N GLU B 325 -19.18 -28.86 -8.43
CA GLU B 325 -18.23 -29.32 -7.40
C GLU B 325 -18.97 -29.93 -6.22
N ILE B 326 -18.42 -31.02 -5.70
CA ILE B 326 -19.06 -31.68 -4.59
C ILE B 326 -17.99 -32.08 -3.62
N GLY B 327 -18.12 -31.61 -2.39
CA GLY B 327 -17.11 -31.92 -1.40
C GLY B 327 -17.59 -32.41 -0.05
N TYR B 328 -16.76 -33.24 0.59
CA TYR B 328 -17.09 -33.81 1.86
C TYR B 328 -15.93 -33.76 2.86
N ASP B 329 -16.22 -33.27 4.05
CA ASP B 329 -15.24 -33.19 5.12
C ASP B 329 -15.72 -33.90 6.34
N ASN B 330 -14.76 -34.35 7.14
CA ASN B 330 -15.09 -35.02 8.38
C ASN B 330 -13.86 -34.97 9.29
N VAL B 331 -13.93 -34.21 10.39
CA VAL B 331 -12.78 -34.10 11.30
C VAL B 331 -13.15 -34.67 12.67
N GLU B 332 -12.26 -35.44 13.29
CA GLU B 332 -12.56 -36.00 14.60
C GLU B 332 -11.58 -35.45 15.61
N SER B 333 -12.08 -34.94 16.75
CA SER B 333 -11.16 -34.41 17.77
C SER B 333 -10.27 -35.45 18.43
N GLN B 334 -8.98 -35.17 18.63
CA GLN B 334 -8.11 -36.14 19.29
C GLN B 334 -8.61 -36.18 20.75
N ARG B 335 -8.58 -35.03 21.43
CA ARG B 335 -9.01 -34.89 22.82
C ARG B 335 -10.39 -35.49 23.18
N THR B 336 -11.43 -35.26 22.39
CA THR B 336 -12.73 -35.81 22.77
C THR B 336 -13.33 -36.96 21.97
N GLY B 337 -12.73 -37.34 20.86
CA GLY B 337 -13.30 -38.41 20.06
C GLY B 337 -14.55 -38.02 19.27
N ASP B 338 -15.10 -36.81 19.46
CA ASP B 338 -16.30 -36.40 18.69
C ASP B 338 -15.95 -36.16 17.21
N LYS B 339 -16.98 -36.06 16.37
CA LYS B 339 -16.76 -35.81 14.96
C LYS B 339 -17.60 -34.71 14.35
N ASN B 340 -16.94 -33.86 13.59
CA ASN B 340 -17.58 -32.76 12.86
C ASN B 340 -17.53 -33.14 11.39
N ASN B 341 -18.57 -32.77 10.63
CA ASN B 341 -18.55 -33.06 9.19
C ASN B 341 -19.51 -32.21 8.41
N GLN B 342 -19.26 -32.16 7.09
CA GLN B 342 -20.09 -31.37 6.20
C GLN B 342 -19.95 -31.81 4.76
N TYR B 343 -20.94 -31.40 3.96
CA TYR B 343 -20.94 -31.68 2.54
C TYR B 343 -21.54 -30.48 1.78
N LYS B 344 -20.88 -30.13 0.68
CA LYS B 344 -21.26 -29.00 -0.14
C LYS B 344 -21.44 -29.43 -1.59
N ILE B 345 -22.35 -28.75 -2.28
CA ILE B 345 -22.63 -29.04 -3.67
C ILE B 345 -22.83 -27.73 -4.38
N THR B 346 -21.97 -27.38 -5.32
CA THR B 346 -22.15 -26.09 -6.06
C THR B 346 -22.44 -26.36 -7.53
N LEU B 347 -23.23 -25.50 -8.14
CA LEU B 347 -23.56 -25.65 -9.57
C LEU B 347 -23.28 -24.29 -10.24
N ALA B 348 -22.42 -24.29 -11.27
CA ALA B 348 -22.08 -23.03 -11.92
C ALA B 348 -21.99 -23.11 -13.42
N GLN B 349 -22.33 -21.99 -14.05
CA GLN B 349 -22.32 -21.84 -15.50
C GLN B 349 -21.25 -20.80 -15.79
N GLN B 350 -20.14 -21.19 -16.38
CA GLN B 350 -19.07 -20.22 -16.66
C GLN B 350 -18.78 -19.93 -18.14
N TRP B 351 -17.97 -18.91 -18.37
CA TRP B 351 -17.52 -18.50 -19.69
C TRP B 351 -16.02 -18.30 -19.49
N GLN B 352 -15.16 -19.11 -20.09
CA GLN B 352 -13.75 -18.88 -19.88
C GLN B 352 -12.98 -18.65 -21.15
N ALA B 353 -11.82 -18.05 -21.04
CA ALA B 353 -10.98 -17.81 -22.19
C ALA B 353 -10.10 -19.04 -22.33
N GLY B 354 -10.74 -20.16 -22.60
CA GLY B 354 -10.04 -21.40 -22.72
C GLY B 354 -11.01 -22.48 -23.11
N ASP B 355 -10.56 -23.73 -23.05
CA ASP B 355 -11.28 -24.93 -23.45
C ASP B 355 -10.96 -25.95 -22.35
N SER B 356 -10.29 -25.48 -21.29
CA SER B 356 -9.88 -26.38 -20.21
C SER B 356 -10.44 -26.02 -18.84
N ILE B 357 -10.34 -26.99 -17.95
CA ILE B 357 -10.75 -26.80 -16.59
C ILE B 357 -9.69 -25.88 -15.96
N TRP B 358 -8.46 -25.90 -16.49
CA TRP B 358 -7.36 -25.07 -16.00
C TRP B 358 -7.26 -23.69 -16.65
N SER B 359 -8.13 -23.39 -17.58
CA SER B 359 -7.96 -22.12 -18.26
C SER B 359 -8.75 -20.97 -17.72
N ARG B 360 -8.12 -19.78 -17.62
CA ARG B 360 -8.80 -18.55 -17.14
C ARG B 360 -8.23 -17.28 -17.78
N PRO B 361 -9.01 -16.17 -17.83
CA PRO B 361 -10.08 -15.68 -16.96
C PRO B 361 -11.28 -16.59 -17.02
N ALA B 362 -12.18 -16.45 -16.05
CA ALA B 362 -13.39 -17.24 -16.02
C ALA B 362 -14.41 -16.33 -15.39
N ILE B 363 -15.66 -16.41 -15.82
CA ILE B 363 -16.70 -15.60 -15.24
C ILE B 363 -17.80 -16.55 -14.87
N ARG B 364 -18.04 -16.72 -13.58
CA ARG B 364 -19.06 -17.64 -13.13
C ARG B 364 -20.33 -17.01 -12.60
N VAL B 365 -21.42 -17.75 -12.73
CA VAL B 365 -22.70 -17.41 -12.17
C VAL B 365 -23.02 -18.74 -11.47
N PHE B 366 -23.19 -18.72 -10.14
CA PHE B 366 -23.37 -19.98 -9.39
C PHE B 366 -24.39 -19.97 -8.26
N ALA B 367 -24.54 -21.17 -7.68
CA ALA B 367 -25.42 -21.43 -6.56
C ALA B 367 -24.73 -22.51 -5.77
N THR B 368 -24.64 -22.31 -4.46
CA THR B 368 -23.99 -23.26 -3.56
C THR B 368 -24.96 -23.68 -2.46
N TYR B 369 -24.80 -24.90 -1.97
CA TYR B 369 -25.62 -25.43 -0.89
C TYR B 369 -24.80 -26.28 0.06
N ALA B 370 -24.97 -26.06 1.35
CA ALA B 370 -24.22 -26.83 2.32
C ALA B 370 -25.05 -27.16 3.52
N LYS B 371 -24.78 -28.34 4.07
CA LYS B 371 -25.44 -28.86 5.26
C LYS B 371 -24.34 -29.45 6.15
N TRP B 372 -24.20 -28.94 7.38
CA TRP B 372 -23.19 -29.46 8.33
C TRP B 372 -23.85 -29.87 9.65
N ASP B 373 -23.10 -30.61 10.46
CA ASP B 373 -23.55 -31.12 11.75
C ASP B 373 -22.28 -31.29 12.55
N GLU B 374 -21.91 -30.24 13.26
CA GLU B 374 -20.68 -30.23 14.08
C GLU B 374 -20.97 -30.60 15.55
N LYS B 375 -20.16 -31.51 16.11
CA LYS B 375 -20.36 -31.93 17.51
C LYS B 375 -19.26 -31.55 18.51
N TRP B 376 -18.42 -30.60 18.13
CA TRP B 376 -17.33 -30.12 18.98
C TRP B 376 -16.78 -28.82 18.44
N GLY B 377 -15.99 -28.11 19.22
CA GLY B 377 -15.44 -26.86 18.76
C GLY B 377 -14.27 -26.45 19.61
N TYR B 378 -13.65 -25.32 19.32
CA TYR B 378 -12.53 -24.89 20.12
C TYR B 378 -13.04 -23.85 21.10
N ASP B 379 -12.53 -23.87 22.33
CA ASP B 379 -12.98 -22.93 23.34
C ASP B 379 -12.12 -21.70 23.39
N TYR B 380 -12.62 -20.66 22.75
CA TYR B 380 -11.90 -19.43 22.72
C TYR B 380 -12.63 -18.39 23.54
N THR B 381 -13.55 -18.83 24.40
CA THR B 381 -14.28 -17.91 25.26
C THR B 381 -13.38 -17.50 26.38
N GLY B 382 -13.54 -16.28 26.85
CA GLY B 382 -12.71 -15.88 27.94
C GLY B 382 -11.36 -15.33 27.56
N ASN B 383 -10.37 -15.63 28.38
CA ASN B 383 -9.05 -15.07 28.20
C ASN B 383 -8.03 -16.17 28.48
N ALA B 384 -6.85 -16.07 27.89
CA ALA B 384 -5.83 -17.07 28.15
C ALA B 384 -5.57 -17.13 29.66
N ASP B 385 -5.93 -16.02 30.35
CA ASP B 385 -5.79 -15.86 31.81
C ASP B 385 -7.11 -16.24 32.54
N ASN B 386 -8.27 -15.73 32.09
CA ASN B 386 -9.56 -16.09 32.69
C ASN B 386 -9.69 -17.59 32.52
N ASN B 387 -9.68 -18.01 31.25
CA ASN B 387 -9.85 -19.40 30.81
C ASN B 387 -8.64 -20.31 30.84
N ALA B 388 -8.84 -21.48 31.41
CA ALA B 388 -7.78 -22.46 31.52
C ALA B 388 -7.88 -23.47 30.39
N ASN B 389 -9.07 -23.61 29.84
CA ASN B 389 -9.30 -24.51 28.70
C ASN B 389 -9.19 -23.72 27.41
N PHE B 390 -8.56 -22.53 27.49
CA PHE B 390 -8.44 -21.66 26.35
C PHE B 390 -7.80 -22.33 25.20
N GLY B 391 -8.54 -22.37 24.09
CA GLY B 391 -8.04 -22.99 22.88
C GLY B 391 -8.00 -24.51 22.78
N LYS B 392 -8.80 -25.21 23.58
CA LYS B 392 -8.81 -26.65 23.54
C LYS B 392 -10.08 -27.13 22.88
N ALA B 393 -10.01 -28.32 22.29
CA ALA B 393 -11.21 -28.89 21.67
C ALA B 393 -12.19 -29.19 22.83
N VAL B 394 -13.47 -28.92 22.64
CA VAL B 394 -14.46 -29.11 23.69
C VAL B 394 -15.78 -29.45 23.02
N PRO B 395 -16.62 -30.31 23.62
CA PRO B 395 -17.88 -30.62 22.93
C PRO B 395 -18.84 -29.50 22.72
N ALA B 396 -19.80 -29.80 21.89
CA ALA B 396 -20.78 -28.84 21.50
C ALA B 396 -21.61 -28.15 22.55
N ASP B 397 -21.71 -28.73 23.73
CA ASP B 397 -22.56 -28.15 24.77
C ASP B 397 -21.83 -27.98 26.08
N PHE B 398 -20.52 -28.16 26.03
CA PHE B 398 -19.67 -28.03 27.18
C PHE B 398 -20.06 -26.87 28.07
N ASN B 399 -20.43 -27.23 29.30
CA ASN B 399 -20.86 -26.30 30.34
C ASN B 399 -22.03 -25.40 29.93
N GLY B 400 -23.07 -26.00 29.36
CA GLY B 400 -24.24 -25.24 28.99
C GLY B 400 -24.04 -24.23 27.88
N GLY B 401 -22.80 -23.91 27.55
CA GLY B 401 -22.53 -22.96 26.47
C GLY B 401 -22.64 -23.76 25.18
N SER B 402 -22.01 -23.29 24.10
CA SER B 402 -22.11 -24.06 22.87
C SER B 402 -20.97 -23.76 21.94
N PHE B 403 -20.33 -24.82 21.46
CA PHE B 403 -19.18 -24.73 20.59
C PHE B 403 -19.39 -25.40 19.23
N GLY B 404 -18.77 -24.87 18.19
CA GLY B 404 -18.99 -25.47 16.89
C GLY B 404 -20.08 -24.76 16.12
N ARG B 405 -20.23 -25.10 14.85
CA ARG B 405 -21.19 -24.46 13.99
C ARG B 405 -22.60 -24.98 14.12
N GLY B 406 -22.78 -26.03 14.91
CA GLY B 406 -24.12 -26.55 15.05
C GLY B 406 -24.56 -27.59 14.02
N ASP B 407 -25.85 -27.61 13.75
CA ASP B 407 -26.39 -28.57 12.81
C ASP B 407 -27.42 -27.85 11.96
N SER B 408 -26.97 -27.20 10.89
CA SER B 408 -27.90 -26.48 10.03
C SER B 408 -27.68 -26.62 8.52
N ASP B 409 -28.18 -25.61 7.83
CA ASP B 409 -28.24 -25.54 6.40
C ASP B 409 -28.05 -24.14 5.88
N GLU B 410 -27.91 -24.03 4.56
CA GLU B 410 -27.81 -22.73 3.90
C GLU B 410 -27.49 -22.83 2.44
N TRP B 411 -27.83 -21.77 1.71
CA TRP B 411 -27.53 -21.72 0.30
C TRP B 411 -27.23 -20.29 -0.09
N THR B 412 -26.21 -20.09 -0.92
CA THR B 412 -25.82 -18.76 -1.37
C THR B 412 -25.73 -18.82 -2.86
N PHE B 413 -25.57 -17.66 -3.49
CA PHE B 413 -25.44 -17.55 -4.94
C PHE B 413 -24.93 -16.19 -5.41
N GLY B 414 -24.33 -16.16 -6.59
CA GLY B 414 -23.82 -14.89 -7.12
C GLY B 414 -23.01 -15.01 -8.39
N ALA B 415 -22.19 -14.00 -8.64
CA ALA B 415 -21.34 -13.92 -9.82
C ALA B 415 -19.91 -13.69 -9.37
N GLN B 416 -18.92 -14.26 -10.05
CA GLN B 416 -17.50 -14.08 -9.68
C GLN B 416 -16.60 -14.12 -10.93
N MET B 417 -15.39 -13.59 -10.81
CA MET B 417 -14.41 -13.57 -11.87
C MET B 417 -13.17 -14.15 -11.21
N GLU B 418 -12.32 -14.90 -11.90
CA GLU B 418 -11.05 -15.40 -11.29
C GLU B 418 -10.00 -15.47 -12.39
N ILE B 419 -8.75 -15.14 -12.10
CA ILE B 419 -7.78 -15.12 -13.20
C ILE B 419 -6.33 -15.10 -12.85
N TRP B 420 -5.54 -16.01 -13.43
CA TRP B 420 -4.08 -15.90 -13.25
C TRP B 420 -3.49 -15.47 -14.59
N TRP B 421 -2.49 -14.61 -14.56
CA TRP B 421 -1.87 -14.13 -15.79
C TRP B 421 -0.36 -14.00 -15.63
N VAL C 1 4.98 1.94 -20.64
CA VAL C 1 5.28 2.30 -19.24
C VAL C 1 6.77 2.15 -19.01
N ASP C 2 7.38 3.05 -18.23
CA ASP C 2 8.81 2.98 -17.88
C ASP C 2 8.87 2.32 -16.50
N PHE C 3 9.86 1.51 -16.20
CA PHE C 3 9.88 0.87 -14.91
C PHE C 3 11.28 0.89 -14.33
N HIS C 4 11.42 1.55 -13.18
CA HIS C 4 12.71 1.66 -12.52
C HIS C 4 12.57 1.57 -11.03
N GLY C 5 13.69 1.39 -10.35
CA GLY C 5 13.69 1.31 -8.91
C GLY C 5 15.03 1.04 -8.26
N TYR C 6 14.95 0.53 -7.03
CA TYR C 6 16.10 0.14 -6.20
C TYR C 6 15.46 -0.91 -5.32
N ALA C 7 16.23 -1.90 -4.89
CA ALA C 7 15.67 -2.90 -3.98
C ALA C 7 16.83 -3.67 -3.45
N ARG C 8 16.75 -4.11 -2.20
CA ARG C 8 17.80 -4.92 -1.56
C ARG C 8 17.02 -5.91 -0.70
N SER C 9 17.47 -7.17 -0.60
CA SER C 9 16.75 -8.19 0.17
C SER C 9 17.64 -9.38 0.48
N GLY C 10 17.41 -10.06 1.60
CA GLY C 10 18.31 -11.16 1.92
C GLY C 10 18.04 -11.97 3.17
N ILE C 11 19.05 -12.73 3.61
CA ILE C 11 18.93 -13.60 4.79
C ILE C 11 20.27 -13.68 5.51
N GLY C 12 20.26 -13.61 6.84
CA GLY C 12 21.50 -13.64 7.63
C GLY C 12 21.45 -14.22 9.03
N TRP C 13 22.61 -14.49 9.60
CA TRP C 13 22.72 -15.07 10.92
C TRP C 13 23.73 -14.34 11.80
N THR C 14 23.50 -14.28 13.11
CA THR C 14 24.48 -13.65 14.03
C THR C 14 25.37 -14.72 14.65
N GLY C 15 26.68 -14.48 14.63
CA GLY C 15 27.61 -15.44 15.20
C GLY C 15 27.16 -16.03 16.52
N SER C 16 26.87 -15.16 17.49
CA SER C 16 26.42 -15.51 18.85
C SER C 16 25.08 -16.21 18.94
N GLY C 17 24.14 -15.82 18.08
CA GLY C 17 22.83 -16.42 18.08
C GLY C 17 21.73 -15.61 17.40
N GLY C 18 20.76 -16.34 16.80
CA GLY C 18 19.62 -15.75 16.14
C GLY C 18 19.81 -14.99 14.85
N GLU C 19 18.75 -14.31 14.42
CA GLU C 19 18.77 -13.50 13.21
C GLU C 19 19.96 -12.55 13.21
N GLN C 20 20.34 -12.03 12.06
CA GLN C 20 21.52 -11.15 12.00
C GLN C 20 21.34 -9.74 12.49
N GLN C 21 22.42 -9.16 12.98
CA GLN C 21 22.40 -7.81 13.49
C GLN C 21 23.26 -6.87 12.72
N CYS C 22 22.92 -5.60 12.84
CA CYS C 22 23.65 -4.57 12.14
C CYS C 22 24.44 -3.65 13.09
N PHE C 23 25.55 -3.05 12.67
CA PHE C 23 26.35 -2.25 13.58
C PHE C 23 26.57 -0.81 13.27
N GLN C 24 26.10 0.07 14.13
CA GLN C 24 26.27 1.51 13.92
C GLN C 24 26.77 2.28 15.16
N THR C 25 27.80 3.11 15.01
CA THR C 25 28.31 3.84 16.16
C THR C 25 27.35 4.87 16.71
N THR C 26 27.09 4.82 18.03
CA THR C 26 26.16 5.75 18.70
C THR C 26 26.63 7.19 18.53
N GLY C 27 25.89 7.98 17.78
CA GLY C 27 26.30 9.35 17.56
C GLY C 27 26.61 9.63 16.09
N ALA C 28 27.03 8.59 15.36
CA ALA C 28 27.32 8.71 13.93
C ALA C 28 25.99 8.66 13.20
N GLN C 29 25.93 9.27 12.03
CA GLN C 29 24.68 9.25 11.26
C GLN C 29 24.74 8.24 10.11
N SER C 30 25.57 7.20 10.23
CA SER C 30 25.69 6.22 9.15
C SER C 30 26.43 4.95 9.57
N LYS C 31 26.34 3.91 8.76
CA LYS C 31 27.06 2.66 9.04
C LYS C 31 27.72 2.21 7.74
N TYR C 32 28.74 1.35 7.81
CA TYR C 32 29.38 0.89 6.59
C TYR C 32 28.62 -0.27 6.04
N ARG C 33 27.83 0.12 5.08
CA ARG C 33 26.93 -0.67 4.30
C ARG C 33 27.12 -2.16 4.04
N LEU C 34 28.25 -2.61 3.49
CA LEU C 34 28.41 -4.02 3.14
C LEU C 34 28.21 -5.05 4.21
N GLY C 35 27.28 -5.95 3.94
CA GLY C 35 27.01 -7.01 4.89
C GLY C 35 26.73 -6.39 6.26
N ASN C 36 25.97 -5.31 6.26
CA ASN C 36 25.61 -4.57 7.46
C ASN C 36 24.26 -3.87 7.24
N GLU C 37 23.37 -4.51 6.47
CA GLU C 37 22.03 -3.98 6.22
C GLU C 37 21.06 -5.06 6.64
N CYS C 38 20.06 -4.65 7.43
CA CYS C 38 19.07 -5.57 8.00
C CYS C 38 17.55 -5.37 7.60
N GLU C 39 17.23 -4.96 6.36
CA GLU C 39 15.83 -4.77 5.91
C GLU C 39 15.63 -5.16 4.46
N THR C 40 14.38 -5.24 4.00
CA THR C 40 14.11 -5.47 2.58
C THR C 40 13.56 -4.10 2.25
N TYR C 41 14.27 -3.33 1.46
CA TYR C 41 13.79 -1.99 1.12
C TYR C 41 13.59 -1.98 -0.36
N ALA C 42 12.58 -1.27 -0.88
CA ALA C 42 12.32 -1.27 -2.31
C ALA C 42 11.48 -0.11 -2.83
N GLU C 43 11.93 0.56 -3.90
CA GLU C 43 11.17 1.67 -4.51
C GLU C 43 10.71 1.24 -5.90
N LEU C 44 9.41 1.30 -6.19
CA LEU C 44 8.94 0.88 -7.50
C LEU C 44 8.40 2.03 -8.29
N LYS C 45 9.16 2.46 -9.30
CA LYS C 45 8.77 3.55 -10.19
C LYS C 45 8.11 3.09 -11.46
N LEU C 46 7.13 3.87 -11.92
CA LEU C 46 6.39 3.63 -13.14
C LEU C 46 6.15 4.99 -13.73
N GLY C 47 6.97 5.40 -14.69
CA GLY C 47 6.84 6.70 -15.34
C GLY C 47 6.49 6.62 -16.83
N GLN C 48 6.40 7.76 -17.50
CA GLN C 48 6.04 7.75 -18.91
C GLN C 48 6.00 9.13 -19.56
N GLU C 49 6.51 9.21 -20.81
CA GLU C 49 6.55 10.47 -21.57
C GLU C 49 5.18 10.61 -22.18
N VAL C 50 4.35 11.50 -21.66
CA VAL C 50 3.02 11.55 -22.20
C VAL C 50 2.74 12.40 -23.41
N TRP C 51 3.67 13.25 -23.83
CA TRP C 51 3.45 14.11 -25.02
C TRP C 51 4.74 14.70 -25.52
N LYS C 52 4.96 14.62 -26.83
CA LYS C 52 6.17 15.16 -27.46
C LYS C 52 5.88 15.84 -28.77
N GLU C 53 6.46 17.00 -29.00
CA GLU C 53 6.27 17.68 -30.26
C GLU C 53 7.52 18.39 -30.60
N GLY C 54 8.39 17.64 -31.25
CA GLY C 54 9.65 18.22 -31.63
C GLY C 54 10.56 18.19 -30.43
N ASP C 55 10.93 19.36 -29.95
CA ASP C 55 11.82 19.50 -28.79
C ASP C 55 11.02 19.41 -27.47
N LYS C 56 9.76 19.83 -27.57
CA LYS C 56 8.86 19.86 -26.46
C LYS C 56 8.33 18.51 -26.06
N SER C 57 8.40 18.25 -24.75
CA SER C 57 7.92 17.00 -24.20
C SER C 57 7.50 17.23 -22.76
N PHE C 58 6.53 16.41 -22.30
CA PHE C 58 5.97 16.37 -20.94
C PHE C 58 6.19 14.95 -20.39
N TYR C 59 6.94 14.84 -19.29
CA TYR C 59 7.20 13.55 -18.66
C TYR C 59 6.49 13.36 -17.31
N PHE C 60 5.91 12.18 -17.07
CA PHE C 60 5.19 11.88 -15.81
C PHE C 60 5.94 10.81 -15.08
N ASP C 61 6.30 11.08 -13.82
CA ASP C 61 7.04 10.13 -12.98
C ASP C 61 6.40 9.88 -11.61
N THR C 62 6.52 8.67 -11.05
CA THR C 62 5.94 8.34 -9.73
C THR C 62 6.85 7.37 -8.93
N ASN C 63 6.75 7.33 -7.59
CA ASN C 63 7.60 6.39 -6.80
C ASN C 63 6.84 5.88 -5.57
N VAL C 64 6.84 4.58 -5.31
CA VAL C 64 6.13 4.02 -4.15
C VAL C 64 7.08 3.11 -3.38
N ALA C 65 7.47 3.50 -2.16
CA ALA C 65 8.44 2.76 -1.31
C ALA C 65 7.87 1.80 -0.29
N TYR C 66 8.56 0.66 -0.15
CA TYR C 66 8.20 -0.41 0.75
C TYR C 66 9.41 -0.78 1.58
N SER C 67 9.22 -1.04 2.87
CA SER C 67 10.31 -1.40 3.76
C SER C 67 9.76 -2.45 4.73
N VAL C 68 10.25 -3.68 4.68
CA VAL C 68 9.73 -4.73 5.57
C VAL C 68 10.91 -5.40 6.27
N ALA C 69 10.66 -6.18 7.32
CA ALA C 69 11.77 -6.76 8.09
C ALA C 69 12.34 -8.08 7.68
N GLN C 70 11.77 -8.64 6.63
CA GLN C 70 12.22 -9.89 6.10
C GLN C 70 12.44 -10.99 7.10
N GLN C 71 11.45 -11.21 7.95
CA GLN C 71 11.51 -12.29 8.91
C GLN C 71 10.41 -13.23 8.61
N ASN C 72 9.62 -12.86 7.62
CA ASN C 72 8.52 -13.69 7.21
C ASN C 72 8.06 -13.45 5.78
N ASP C 73 7.17 -14.33 5.31
CA ASP C 73 6.64 -14.19 3.96
C ASP C 73 5.63 -13.06 3.97
N TRP C 74 4.41 -13.34 4.38
CA TRP C 74 3.39 -12.32 4.42
C TRP C 74 3.70 -11.23 5.43
N GLU C 75 4.20 -10.10 4.96
CA GLU C 75 4.56 -8.99 5.82
C GLU C 75 3.83 -7.76 5.36
N ALA C 76 2.75 -7.41 6.04
CA ALA C 76 1.97 -6.21 5.73
C ALA C 76 2.74 -4.95 6.10
N THR C 77 2.46 -3.86 5.41
CA THR C 77 3.16 -2.59 5.63
C THR C 77 2.40 -1.40 5.05
N ASP C 78 2.72 -0.19 5.51
CA ASP C 78 2.10 1.03 5.01
C ASP C 78 3.14 1.58 4.04
N PRO C 79 2.83 1.59 2.73
CA PRO C 79 3.81 2.09 1.78
C PRO C 79 3.88 3.59 1.77
N ALA C 80 5.01 4.20 1.40
CA ALA C 80 5.09 5.67 1.35
C ALA C 80 4.93 6.14 -0.10
N PHE C 81 4.02 7.07 -0.38
CA PHE C 81 3.84 7.54 -1.73
C PHE C 81 4.78 8.71 -1.84
N ARG C 82 6.02 8.43 -2.21
CA ARG C 82 7.07 9.46 -2.28
C ARG C 82 7.23 10.47 -3.43
N GLU C 83 6.76 10.14 -4.65
CA GLU C 83 6.81 11.09 -5.77
C GLU C 83 5.77 10.91 -6.84
N ALA C 84 5.25 12.04 -7.30
CA ALA C 84 4.24 12.10 -8.31
C ALA C 84 4.33 13.50 -8.83
N ASN C 85 5.11 13.67 -9.91
CA ASN C 85 5.35 14.99 -10.52
C ASN C 85 5.35 15.02 -12.08
N VAL C 86 5.28 16.23 -12.66
CA VAL C 86 5.28 16.42 -14.12
C VAL C 86 6.32 17.44 -14.48
N GLN C 87 7.20 17.09 -15.42
CA GLN C 87 8.27 17.99 -15.88
C GLN C 87 8.09 18.25 -17.37
N GLY C 88 8.11 19.51 -17.75
CA GLY C 88 7.94 19.86 -19.14
C GLY C 88 9.18 20.56 -19.63
N LYS C 89 9.89 19.96 -20.59
CA LYS C 89 11.14 20.54 -21.12
C LYS C 89 10.96 21.38 -22.37
N ASN C 90 11.80 22.42 -22.47
CA ASN C 90 11.79 23.32 -23.60
C ASN C 90 10.49 24.03 -23.82
N LEU C 91 9.60 24.05 -22.84
CA LEU C 91 8.32 24.70 -23.08
C LEU C 91 8.42 26.26 -23.08
N ILE C 92 9.51 26.82 -22.56
CA ILE C 92 9.67 28.29 -22.51
C ILE C 92 10.77 28.72 -23.50
N GLU C 93 10.33 29.21 -24.66
CA GLU C 93 11.18 29.66 -25.79
C GLU C 93 12.39 30.45 -25.33
N TRP C 94 12.14 31.60 -24.67
CA TRP C 94 13.20 32.46 -24.20
C TRP C 94 14.34 31.80 -23.39
N LEU C 95 14.05 30.92 -22.44
CA LEU C 95 15.11 30.22 -21.68
C LEU C 95 15.09 28.80 -22.26
N PRO C 96 15.89 28.52 -23.29
CA PRO C 96 15.91 27.19 -23.90
C PRO C 96 16.69 26.12 -23.16
N GLY C 97 16.21 24.88 -23.33
CA GLY C 97 16.78 23.69 -22.70
C GLY C 97 16.38 23.47 -21.24
N SER C 98 15.60 24.41 -20.71
CA SER C 98 15.20 24.36 -19.33
C SER C 98 13.82 23.76 -19.17
N THR C 99 13.62 23.21 -17.97
CA THR C 99 12.40 22.55 -17.53
C THR C 99 11.67 23.28 -16.41
N ILE C 100 10.36 23.14 -16.39
CA ILE C 100 9.59 23.65 -15.29
C ILE C 100 8.86 22.42 -14.80
N TRP C 101 8.80 22.24 -13.47
CA TRP C 101 8.14 21.08 -12.89
C TRP C 101 7.36 21.46 -11.64
N ALA C 102 6.43 20.60 -11.24
CA ALA C 102 5.61 20.80 -10.05
C ALA C 102 5.15 19.42 -9.57
N GLY C 103 5.08 19.23 -8.26
CA GLY C 103 4.65 17.95 -7.71
C GLY C 103 5.67 17.39 -6.74
N LYS C 104 5.37 16.24 -6.12
CA LYS C 104 6.32 15.66 -5.18
C LYS C 104 7.44 15.04 -6.01
N ARG C 105 8.68 15.43 -5.76
CA ARG C 105 9.78 14.90 -6.54
C ARG C 105 11.12 14.82 -5.81
N PHE C 106 11.87 13.71 -5.99
CA PHE C 106 13.21 13.59 -5.40
C PHE C 106 13.97 14.65 -6.25
N TYR C 107 14.60 15.67 -5.67
CA TYR C 107 15.24 16.71 -6.49
C TYR C 107 16.71 16.88 -6.38
N GLN C 108 17.46 16.35 -7.33
CA GLN C 108 18.92 16.47 -7.38
C GLN C 108 19.66 16.07 -6.10
N ARG C 109 19.47 14.86 -5.62
CA ARG C 109 20.14 14.45 -4.39
C ARG C 109 21.62 14.12 -4.57
N HIS C 110 22.46 14.38 -3.56
CA HIS C 110 23.91 14.06 -3.62
C HIS C 110 24.21 13.11 -2.45
N ASP C 111 24.73 11.91 -2.69
CA ASP C 111 24.96 10.98 -1.59
C ASP C 111 26.31 10.30 -1.63
N VAL C 112 26.59 9.41 -0.69
CA VAL C 112 27.86 8.70 -0.60
C VAL C 112 27.57 7.19 -0.39
N HIS C 113 27.34 6.46 -1.48
CA HIS C 113 27.01 5.03 -1.45
C HIS C 113 27.52 4.07 -0.35
N MET C 114 28.83 3.95 -0.13
CA MET C 114 29.25 2.96 0.86
C MET C 114 28.77 3.22 2.28
N ILE C 115 28.38 4.45 2.57
CA ILE C 115 27.89 4.73 3.89
C ILE C 115 26.43 5.14 3.77
N ASP C 116 25.85 5.00 2.59
CA ASP C 116 24.43 5.38 2.37
C ASP C 116 24.11 6.70 3.03
N PHE C 117 24.95 7.69 2.81
CA PHE C 117 24.77 8.95 3.46
C PHE C 117 24.33 10.05 2.50
N TYR C 118 23.13 10.57 2.59
CA TYR C 118 22.75 11.68 1.69
C TYR C 118 23.16 13.06 2.22
N TYR C 119 24.15 13.71 1.62
CA TYR C 119 24.59 15.00 2.14
C TYR C 119 24.01 16.29 1.58
N TRP C 120 23.10 16.22 0.61
CA TRP C 120 22.45 17.44 0.06
C TRP C 120 21.22 16.87 -0.59
N ASP C 121 20.09 16.96 0.11
CA ASP C 121 18.83 16.38 -0.36
C ASP C 121 17.62 17.18 0.15
N ILE C 122 16.97 17.98 -0.69
CA ILE C 122 15.81 18.74 -0.27
C ILE C 122 14.51 18.26 -0.91
N SER C 123 14.43 16.99 -1.27
CA SER C 123 13.23 16.53 -1.93
C SER C 123 11.94 16.60 -1.11
N GLY C 124 10.79 16.61 -1.78
CA GLY C 124 9.49 16.65 -1.12
C GLY C 124 8.52 17.33 -2.06
N PRO C 125 7.33 17.83 -1.64
CA PRO C 125 6.41 18.50 -2.57
C PRO C 125 7.12 19.77 -3.00
N GLY C 126 6.84 20.28 -4.19
CA GLY C 126 7.54 21.49 -4.60
C GLY C 126 7.36 21.85 -6.05
N ALA C 127 8.15 22.81 -6.50
CA ALA C 127 8.09 23.28 -7.87
C ALA C 127 9.35 24.06 -8.20
N GLY C 128 9.68 24.19 -9.49
CA GLY C 128 10.87 24.95 -9.93
C GLY C 128 11.16 25.09 -11.44
N LEU C 129 12.09 26.00 -11.79
CA LEU C 129 12.54 26.27 -13.18
C LEU C 129 13.96 25.72 -13.25
N GLU C 130 14.12 24.55 -13.84
CA GLU C 130 15.41 23.85 -13.87
C GLU C 130 16.27 23.97 -15.11
N ASN C 131 17.58 24.06 -14.90
CA ASN C 131 18.57 24.12 -15.98
C ASN C 131 18.57 25.28 -16.95
N ILE C 132 18.54 26.47 -16.40
CA ILE C 132 18.58 27.69 -17.19
C ILE C 132 20.06 27.82 -17.56
N ASP C 133 20.32 28.15 -18.83
CA ASP C 133 21.72 28.31 -19.28
C ASP C 133 22.26 29.72 -19.09
N VAL C 134 23.16 29.89 -18.12
CA VAL C 134 23.76 31.19 -17.81
C VAL C 134 25.11 31.40 -18.54
N GLY C 135 25.34 30.67 -19.62
CA GLY C 135 26.59 30.85 -20.35
C GLY C 135 27.79 30.12 -19.79
N PHE C 136 28.33 30.60 -18.67
CA PHE C 136 29.47 29.93 -18.05
C PHE C 136 29.07 28.69 -17.27
N GLY C 137 27.76 28.53 -17.08
CA GLY C 137 27.23 27.38 -16.38
C GLY C 137 25.71 27.42 -16.35
N LYS C 138 25.15 26.36 -15.76
CA LYS C 138 23.71 26.17 -15.60
C LYS C 138 23.19 26.55 -14.21
N LEU C 139 22.13 27.36 -14.22
CA LEU C 139 21.50 27.88 -13.00
C LEU C 139 20.07 27.40 -12.83
N SER C 140 19.80 26.71 -11.72
CA SER C 140 18.44 26.19 -11.41
C SER C 140 17.81 26.86 -10.13
N LEU C 141 16.48 26.99 -10.11
CA LEU C 141 15.72 27.58 -8.99
C LEU C 141 14.55 26.65 -8.57
N ALA C 142 14.39 26.42 -7.23
CA ALA C 142 13.32 25.54 -6.66
C ALA C 142 12.88 25.92 -5.25
N ALA C 143 11.66 25.51 -4.90
CA ALA C 143 11.09 25.73 -3.58
C ALA C 143 10.45 24.41 -3.13
N THR C 144 10.94 23.83 -2.03
CA THR C 144 10.34 22.59 -1.56
C THR C 144 9.82 22.80 -0.15
N ARG C 145 9.04 21.83 0.35
CA ARG C 145 8.44 21.86 1.67
C ARG C 145 8.63 20.65 2.58
N SER C 146 8.57 20.94 3.88
CA SER C 146 8.65 19.95 4.93
C SER C 146 7.74 20.54 6.00
N SER C 147 7.40 19.71 6.98
CA SER C 147 6.57 20.18 8.08
C SER C 147 6.86 19.29 9.28
N GLU C 148 7.21 19.90 10.41
CA GLU C 148 7.51 19.15 11.63
C GLU C 148 6.22 18.84 12.40
N ALA C 149 6.18 17.65 13.04
CA ALA C 149 5.02 17.10 13.79
C ALA C 149 4.18 17.99 14.69
N GLY C 150 4.84 18.91 15.38
CA GLY C 150 4.16 19.86 16.22
C GLY C 150 5.18 20.93 16.49
N GLY C 151 4.78 22.02 17.14
CA GLY C 151 5.76 23.05 17.48
C GLY C 151 5.22 24.45 17.51
N SER C 152 3.94 24.61 17.25
CA SER C 152 3.33 25.92 17.24
C SER C 152 2.22 25.95 18.24
N SER C 153 1.85 27.14 18.73
CA SER C 153 0.74 27.26 19.69
C SER C 153 -0.32 28.20 19.21
N SER C 154 -1.59 27.83 19.43
CA SER C 154 -2.73 28.65 19.00
C SER C 154 -2.76 29.99 19.72
N PHE C 155 -2.35 29.98 20.99
CA PHE C 155 -2.29 31.17 21.86
C PHE C 155 -0.89 31.24 22.46
N ALA C 156 -0.62 32.28 23.25
CA ALA C 156 0.71 32.39 23.86
C ALA C 156 0.77 31.72 25.23
N SER C 157 1.44 30.58 25.32
CA SER C 157 1.59 29.87 26.59
C SER C 157 3.06 29.94 26.99
N ASN C 158 3.35 29.47 28.19
CA ASN C 158 4.72 29.42 28.67
C ASN C 158 4.98 27.93 28.80
N ASN C 159 3.93 27.13 28.60
CA ASN C 159 4.06 25.70 28.70
C ASN C 159 4.42 25.07 27.36
N ILE C 160 5.56 24.41 27.31
CA ILE C 160 5.98 23.81 26.06
C ILE C 160 4.99 22.78 25.62
N TYR C 161 4.20 22.26 26.54
CA TYR C 161 3.23 21.24 26.19
C TYR C 161 2.05 21.79 25.37
N ASP C 162 2.05 23.10 25.11
CA ASP C 162 0.96 23.71 24.32
C ASP C 162 1.32 23.88 22.84
N TYR C 163 2.58 23.60 22.56
CA TYR C 163 3.19 23.71 21.25
C TYR C 163 3.12 22.36 20.53
N THR C 164 1.89 21.99 20.17
CA THR C 164 1.67 20.71 19.52
C THR C 164 1.13 20.75 18.11
N ASN C 165 1.06 21.96 17.55
CA ASN C 165 0.57 22.11 16.19
C ASN C 165 1.69 21.86 15.17
N GLU C 166 1.35 21.10 14.13
CA GLU C 166 2.29 20.79 13.06
C GLU C 166 2.77 22.17 12.57
N THR C 167 4.07 22.30 12.33
CA THR C 167 4.63 23.56 11.88
C THR C 167 5.41 23.37 10.56
N ALA C 168 4.94 24.06 9.52
CA ALA C 168 5.50 23.99 8.17
C ALA C 168 6.76 24.80 7.97
N ASN C 169 7.67 24.27 7.17
CA ASN C 169 8.92 24.98 6.87
C ASN C 169 9.14 25.01 5.35
N ASP C 170 9.51 26.16 4.79
CA ASP C 170 9.77 26.26 3.35
C ASP C 170 11.27 26.33 3.11
N VAL C 171 11.73 25.88 1.95
CA VAL C 171 13.15 25.97 1.61
C VAL C 171 13.22 26.59 0.23
N PHE C 172 14.17 27.50 0.06
CA PHE C 172 14.39 28.18 -1.20
C PHE C 172 15.80 27.86 -1.57
N ASP C 173 15.92 27.30 -2.77
CA ASP C 173 17.18 26.80 -3.26
C ASP C 173 17.64 27.46 -4.56
N VAL C 174 18.95 27.67 -4.68
CA VAL C 174 19.57 28.24 -5.88
C VAL C 174 20.91 27.58 -6.11
N ARG C 175 21.12 27.00 -7.28
CA ARG C 175 22.41 26.38 -7.55
C ARG C 175 22.94 26.88 -8.90
N LEU C 176 24.26 26.90 -9.01
CA LEU C 176 24.97 27.31 -10.22
C LEU C 176 25.95 26.18 -10.44
N ALA C 177 25.78 25.44 -11.52
CA ALA C 177 26.65 24.29 -11.72
C ALA C 177 27.34 24.12 -13.08
N GLN C 178 28.06 23.00 -13.18
CA GLN C 178 28.82 22.65 -14.38
C GLN C 178 29.83 23.76 -14.82
N MET C 179 30.38 24.51 -13.87
CA MET C 179 31.38 25.54 -14.18
C MET C 179 32.71 24.81 -14.18
N GLU C 180 33.48 24.96 -15.26
CA GLU C 180 34.79 24.30 -15.36
C GLU C 180 35.93 25.12 -14.73
N ILE C 181 36.00 25.16 -13.40
CA ILE C 181 37.05 25.92 -12.73
C ILE C 181 38.40 25.43 -13.27
N ASN C 182 38.56 24.14 -13.49
CA ASN C 182 39.84 23.64 -14.04
C ASN C 182 39.63 22.58 -15.12
N PRO C 183 40.73 22.05 -15.68
CA PRO C 183 40.60 21.02 -16.71
C PRO C 183 40.39 19.69 -16.03
N GLY C 184 39.23 19.10 -16.27
CA GLY C 184 38.90 17.81 -15.66
C GLY C 184 37.98 17.98 -14.45
N GLY C 185 37.97 19.20 -13.94
CA GLY C 185 37.17 19.48 -12.79
C GLY C 185 36.05 20.46 -13.05
N THR C 186 35.06 20.40 -12.18
CA THR C 186 33.89 21.25 -12.25
C THR C 186 33.56 21.75 -10.88
N LEU C 187 32.78 22.83 -10.84
CA LEU C 187 32.37 23.45 -9.59
C LEU C 187 30.89 23.82 -9.52
N GLU C 188 30.22 23.37 -8.44
CA GLU C 188 28.80 23.67 -8.20
C GLU C 188 28.73 24.46 -6.91
N LEU C 189 27.86 25.46 -6.91
CA LEU C 189 27.70 26.29 -5.73
C LEU C 189 26.22 26.40 -5.45
N GLY C 190 25.84 26.31 -4.18
CA GLY C 190 24.42 26.43 -3.89
C GLY C 190 24.12 27.10 -2.58
N VAL C 191 22.99 27.78 -2.55
CA VAL C 191 22.55 28.47 -1.36
C VAL C 191 21.15 28.02 -1.05
N ASP C 192 20.96 27.66 0.22
CA ASP C 192 19.66 27.22 0.75
C ASP C 192 19.20 28.10 1.93
N TYR C 193 17.99 28.64 1.85
CA TYR C 193 17.47 29.44 2.96
C TYR C 193 16.12 28.91 3.40
N GLY C 194 16.05 28.42 4.64
CA GLY C 194 14.81 27.84 5.14
C GLY C 194 14.23 28.57 6.33
N ARG C 195 12.93 28.43 6.56
CA ARG C 195 12.29 29.15 7.65
C ARG C 195 10.93 28.52 8.02
N ALA C 196 10.56 28.50 9.31
CA ALA C 196 9.25 27.97 9.71
C ALA C 196 8.25 29.04 9.29
N ASN C 197 7.18 28.63 8.63
CA ASN C 197 6.16 29.52 8.12
C ASN C 197 4.90 29.39 8.98
N LEU C 198 4.72 30.30 9.93
CA LEU C 198 3.60 30.23 10.88
C LEU C 198 2.22 30.64 10.44
N ARG C 199 1.22 29.89 10.87
CA ARG C 199 -0.19 30.17 10.52
C ARG C 199 -0.54 31.52 11.09
N ASP C 200 -1.55 32.19 10.54
CA ASP C 200 -1.92 33.50 11.09
C ASP C 200 -2.28 33.31 12.54
N ASN C 201 -1.61 34.08 13.40
CA ASN C 201 -1.81 34.04 14.87
C ASN C 201 -0.96 33.05 15.68
N TYR C 202 -0.55 31.92 15.11
CA TYR C 202 0.25 30.99 15.89
C TYR C 202 1.61 31.55 16.25
N ARG C 203 2.22 30.98 17.30
CA ARG C 203 3.53 31.43 17.81
C ARG C 203 4.45 30.28 18.08
N LEU C 204 5.76 30.56 17.96
CA LEU C 204 6.77 29.54 18.25
C LEU C 204 7.23 29.75 19.69
N VAL C 205 8.01 28.80 20.21
CA VAL C 205 8.56 28.88 21.55
C VAL C 205 9.50 30.09 21.66
N ASP C 206 9.90 30.45 22.87
CA ASP C 206 10.80 31.57 23.06
C ASP C 206 12.20 31.05 22.78
N GLY C 207 12.94 31.76 21.94
CA GLY C 207 14.30 31.33 21.64
C GLY C 207 14.43 30.34 20.50
N ALA C 208 13.29 29.92 19.94
CA ALA C 208 13.26 29.00 18.81
C ALA C 208 14.11 29.61 17.72
N SER C 209 14.90 28.78 17.06
CA SER C 209 15.80 29.20 15.97
C SER C 209 15.07 29.87 14.82
N LYS C 210 13.94 29.32 14.40
CA LYS C 210 13.11 29.89 13.33
C LYS C 210 13.53 29.72 11.89
N ASP C 211 14.76 30.10 11.52
CA ASP C 211 15.21 29.97 10.13
C ASP C 211 16.69 29.58 10.03
N GLY C 212 17.30 29.74 8.86
CA GLY C 212 18.70 29.36 8.75
C GLY C 212 19.34 29.28 7.36
N TRP C 213 20.62 28.88 7.29
CA TRP C 213 21.36 28.78 6.01
C TRP C 213 22.22 27.55 5.83
N LEU C 214 22.31 27.11 4.58
CA LEU C 214 23.19 25.99 4.23
C LEU C 214 23.95 26.44 3.01
N PHE C 215 25.28 26.34 3.05
CA PHE C 215 26.05 26.76 1.91
C PHE C 215 26.87 25.56 1.46
N THR C 216 26.72 25.21 0.18
CA THR C 216 27.43 24.05 -0.39
C THR C 216 28.32 24.45 -1.56
N ALA C 217 29.47 23.76 -1.67
CA ALA C 217 30.42 23.94 -2.75
C ALA C 217 31.02 22.58 -2.98
N GLU C 218 30.80 22.04 -4.18
CA GLU C 218 31.29 20.70 -4.52
C GLU C 218 32.14 20.67 -5.78
N HIS C 219 33.38 20.18 -5.67
CA HIS C 219 34.26 20.06 -6.83
C HIS C 219 34.48 18.61 -7.30
N THR C 220 34.19 18.37 -8.59
CA THR C 220 34.35 17.03 -9.15
C THR C 220 35.51 16.95 -10.11
N GLN C 221 36.45 16.09 -9.81
CA GLN C 221 37.62 15.92 -10.66
C GLN C 221 37.61 14.55 -11.28
N SER C 222 37.84 14.49 -12.58
CA SER C 222 37.88 13.21 -13.26
C SER C 222 39.26 12.58 -13.01
N VAL C 223 39.28 11.32 -12.57
CA VAL C 223 40.57 10.68 -12.24
C VAL C 223 40.51 9.19 -12.46
N LEU C 224 41.68 8.55 -12.51
CA LEU C 224 41.81 7.10 -12.67
C LEU C 224 40.64 6.33 -13.27
N LYS C 225 40.08 6.86 -14.36
CA LYS C 225 38.95 6.24 -15.04
C LYS C 225 37.71 6.25 -14.14
N GLY C 226 37.72 7.13 -13.15
CA GLY C 226 36.62 7.24 -12.21
C GLY C 226 36.45 8.69 -11.87
N PHE C 227 36.28 9.02 -10.58
CA PHE C 227 36.14 10.41 -10.17
C PHE C 227 36.41 10.60 -8.69
N ASN C 228 36.49 11.88 -8.31
CA ASN C 228 36.70 12.27 -6.94
C ASN C 228 35.93 13.56 -6.64
N LYS C 229 35.18 13.53 -5.54
CA LYS C 229 34.40 14.68 -5.10
C LYS C 229 34.96 15.18 -3.78
N PHE C 230 35.00 16.50 -3.66
CA PHE C 230 35.50 17.14 -2.46
C PHE C 230 34.45 18.18 -2.15
N VAL C 231 33.80 18.00 -0.98
CA VAL C 231 32.75 18.92 -0.57
C VAL C 231 33.11 19.64 0.70
N VAL C 232 32.48 20.79 0.83
CA VAL C 232 32.64 21.61 2.00
C VAL C 232 31.27 22.26 2.17
N GLN C 233 30.67 22.12 3.35
CA GLN C 233 29.35 22.72 3.62
C GLN C 233 29.31 23.46 4.94
N TYR C 234 28.42 24.44 5.03
CA TYR C 234 28.27 25.24 6.24
C TYR C 234 26.83 25.57 6.54
N ALA C 235 26.38 25.12 7.71
CA ALA C 235 25.00 25.33 8.09
C ALA C 235 24.84 26.18 9.34
N THR C 236 23.69 26.80 9.39
CA THR C 236 23.38 27.71 10.43
C THR C 236 22.02 27.53 11.04
N ASP C 237 22.02 27.25 12.34
CA ASP C 237 20.77 27.15 13.12
C ASP C 237 19.74 26.14 12.68
N SER C 238 18.57 26.63 12.26
CA SER C 238 17.47 25.75 11.89
C SER C 238 17.75 24.76 10.78
N MET C 239 18.98 24.78 10.28
CA MET C 239 19.42 23.87 9.23
C MET C 239 20.47 22.85 9.74
N THR C 240 20.86 22.93 11.01
CA THR C 240 21.87 22.07 11.58
C THR C 240 21.42 20.71 12.01
N SER C 241 20.17 20.61 12.44
CA SER C 241 19.63 19.34 12.92
C SER C 241 19.42 18.33 11.82
N GLN C 242 18.71 18.69 10.73
CA GLN C 242 18.56 17.72 9.61
C GLN C 242 19.91 17.65 8.84
N GLY C 243 20.46 18.82 8.47
CA GLY C 243 21.78 18.89 7.83
C GLY C 243 21.97 18.35 6.44
N LYS C 244 20.92 18.50 5.63
CA LYS C 244 20.89 18.05 4.26
C LYS C 244 20.18 19.09 3.45
N GLY C 245 19.64 20.11 4.11
CA GLY C 245 18.97 21.14 3.35
C GLY C 245 17.56 21.42 3.82
N LEU C 246 17.07 20.60 4.73
CA LEU C 246 15.72 20.79 5.25
C LEU C 246 15.70 21.54 6.57
N SER C 247 14.67 22.38 6.77
CA SER C 247 14.54 23.20 7.97
C SER C 247 13.60 22.76 9.11
N GLN C 248 14.07 22.96 10.34
CA GLN C 248 13.31 22.61 11.54
C GLN C 248 13.43 23.76 12.54
N GLY C 249 12.83 24.88 12.19
CA GLY C 249 12.92 26.07 13.02
C GLY C 249 12.08 26.12 14.27
N SER C 250 11.40 25.05 14.66
CA SER C 250 10.54 25.08 15.85
C SER C 250 11.22 24.65 17.16
N GLY C 251 12.21 23.77 17.07
CA GLY C 251 12.92 23.33 18.27
C GLY C 251 12.21 22.46 19.29
N VAL C 252 11.04 21.93 18.92
CA VAL C 252 10.22 21.06 19.78
C VAL C 252 10.14 19.62 19.25
N ALA C 253 10.47 18.67 20.10
CA ALA C 253 10.41 17.25 19.78
C ALA C 253 9.32 16.62 20.64
N PHE C 254 9.11 15.31 20.52
CA PHE C 254 8.10 14.63 21.30
C PHE C 254 8.54 13.23 21.76
N ASP C 255 8.23 12.88 23.00
CA ASP C 255 8.57 11.54 23.53
C ASP C 255 7.57 10.53 22.97
N ASN C 256 7.72 9.25 23.29
CA ASN C 256 6.76 8.28 22.79
C ASN C 256 5.44 8.37 23.54
N GLU C 257 5.38 9.24 24.55
CA GLU C 257 4.18 9.45 25.37
C GLU C 257 3.51 10.78 25.03
N LYS C 258 3.77 11.30 23.82
CA LYS C 258 3.20 12.56 23.35
C LYS C 258 3.54 13.82 24.17
N PHE C 259 4.67 13.79 24.88
CA PHE C 259 5.09 14.95 25.68
C PHE C 259 6.10 15.78 24.93
N ALA C 260 5.82 17.06 24.77
CA ALA C 260 6.74 17.91 24.05
C ALA C 260 8.00 18.17 24.81
N TYR C 261 9.14 18.15 24.12
CA TYR C 261 10.41 18.51 24.74
C TYR C 261 11.25 19.41 23.85
N ASN C 262 12.22 20.10 24.42
CA ASN C 262 12.95 21.08 23.67
C ASN C 262 14.31 20.70 23.10
N ILE C 263 14.36 20.62 21.76
CA ILE C 263 15.56 20.24 21.02
C ILE C 263 16.42 21.41 20.47
N ASN C 264 15.99 22.66 20.63
CA ASN C 264 16.70 23.87 20.12
C ASN C 264 18.04 23.66 19.43
N ASN C 265 18.06 24.07 18.16
CA ASN C 265 19.22 23.91 17.29
C ASN C 265 20.04 25.13 16.90
N ASN C 266 19.94 26.23 17.65
CA ASN C 266 20.78 27.40 17.34
C ASN C 266 22.20 26.95 17.51
N GLY C 267 23.01 27.24 16.51
CA GLY C 267 24.40 26.83 16.53
C GLY C 267 24.86 26.82 15.10
N HIS C 268 25.73 25.87 14.74
CA HIS C 268 26.19 25.79 13.36
C HIS C 268 26.82 24.44 13.09
N MET C 269 27.03 24.15 11.82
CA MET C 269 27.67 22.90 11.44
C MET C 269 28.68 23.12 10.32
N LEU C 270 29.77 22.35 10.37
CA LEU C 270 30.80 22.47 9.36
C LEU C 270 31.10 21.09 8.83
N ARG C 271 30.97 20.90 7.51
CA ARG C 271 31.22 19.59 6.91
C ARG C 271 32.34 19.61 5.86
N ILE C 272 33.28 18.67 6.00
CA ILE C 272 34.38 18.53 5.04
C ILE C 272 34.40 17.04 4.60
N LEU C 273 34.08 16.82 3.32
CA LEU C 273 33.92 15.48 2.73
C LEU C 273 34.72 15.26 1.46
N ASP C 274 35.24 14.05 1.31
CA ASP C 274 35.92 13.68 0.10
C ASP C 274 35.70 12.19 -0.11
N HIS C 275 35.06 11.89 -1.24
CA HIS C 275 34.77 10.51 -1.62
C HIS C 275 34.95 10.29 -3.10
N GLY C 276 35.10 9.02 -3.48
CA GLY C 276 35.23 8.69 -4.89
C GLY C 276 35.41 7.20 -5.18
N ALA C 277 35.54 6.90 -6.47
CA ALA C 277 35.76 5.53 -6.93
C ALA C 277 36.76 5.66 -8.07
N ILE C 278 37.78 4.81 -8.04
CA ILE C 278 38.81 4.81 -9.07
C ILE C 278 39.09 3.36 -9.46
N SER C 279 39.56 3.20 -10.70
CA SER C 279 39.93 1.88 -11.24
C SER C 279 41.46 1.96 -11.39
N MET C 280 42.14 0.90 -10.96
CA MET C 280 43.60 0.84 -11.05
C MET C 280 43.99 -0.38 -11.89
N GLY C 281 44.11 -0.17 -13.19
CA GLY C 281 44.42 -1.30 -14.04
C GLY C 281 43.16 -1.97 -14.57
N ASP C 282 43.18 -3.29 -14.67
CA ASP C 282 42.01 -4.01 -15.20
C ASP C 282 41.40 -4.93 -14.18
N ASN C 283 42.18 -5.32 -13.16
CA ASN C 283 41.70 -6.26 -12.16
C ASN C 283 41.26 -5.67 -10.76
N TRP C 284 41.25 -4.34 -10.63
CA TRP C 284 40.85 -3.72 -9.37
C TRP C 284 40.05 -2.47 -9.52
N ASP C 285 39.12 -2.30 -8.56
CA ASP C 285 38.25 -1.14 -8.45
C ASP C 285 38.24 -0.85 -6.96
N MET C 286 38.02 0.40 -6.59
CA MET C 286 37.98 0.72 -5.18
C MET C 286 37.31 2.04 -4.85
N MET C 287 36.26 2.00 -3.99
CA MET C 287 35.56 3.23 -3.55
C MET C 287 36.23 3.65 -2.21
N TYR C 288 36.10 4.92 -1.84
CA TYR C 288 36.68 5.42 -0.60
C TYR C 288 35.97 6.69 -0.05
N VAL C 289 35.91 6.84 1.29
CA VAL C 289 35.34 8.05 1.95
C VAL C 289 36.22 8.48 3.08
N GLY C 290 36.16 9.79 3.29
CA GLY C 290 36.85 10.42 4.38
C GLY C 290 35.99 11.62 4.75
N MET C 291 35.55 11.73 6.01
CA MET C 291 34.72 12.88 6.41
C MET C 291 34.95 13.33 7.85
N TYR C 292 34.76 14.62 8.04
CA TYR C 292 34.84 15.19 9.37
C TYR C 292 33.66 16.14 9.49
N GLN C 293 32.78 15.87 10.46
CA GLN C 293 31.58 16.70 10.64
C GLN C 293 31.50 17.17 12.08
N ASP C 294 31.26 18.47 12.26
CA ASP C 294 31.19 19.07 13.58
C ASP C 294 29.95 19.93 13.75
N ILE C 295 29.03 19.45 14.59
CA ILE C 295 27.82 20.19 14.89
C ILE C 295 28.07 20.78 16.24
N ASN C 296 28.07 22.10 16.28
CA ASN C 296 28.30 22.81 17.51
C ASN C 296 27.04 23.55 17.87
N TRP C 297 26.39 23.13 18.96
CA TRP C 297 25.17 23.82 19.34
C TRP C 297 25.32 24.66 20.59
N ASP C 298 24.52 25.71 20.67
CA ASP C 298 24.53 26.59 21.83
C ASP C 298 24.11 25.75 22.99
N ASN C 299 23.10 24.93 22.75
CA ASN C 299 22.59 24.08 23.80
C ASN C 299 23.61 23.06 24.33
N ASP C 300 24.82 23.09 23.79
CA ASP C 300 25.88 22.21 24.26
C ASP C 300 25.74 20.69 24.09
N ASN C 301 24.77 20.27 23.29
CA ASN C 301 24.60 18.84 23.08
C ASN C 301 25.07 18.32 21.71
N GLY C 302 25.82 19.14 20.95
CA GLY C 302 26.34 18.73 19.65
C GLY C 302 27.27 17.52 19.70
N THR C 303 27.97 17.25 18.59
CA THR C 303 28.92 16.12 18.47
C THR C 303 29.98 16.45 17.42
N LYS C 304 31.12 15.72 17.44
CA LYS C 304 32.20 15.90 16.45
C LYS C 304 32.53 14.50 15.94
N TRP C 305 32.21 14.26 14.65
CA TRP C 305 32.33 12.97 13.96
C TRP C 305 33.49 12.85 12.94
N TRP C 306 34.04 11.64 12.85
CA TRP C 306 35.13 11.30 11.94
C TRP C 306 34.94 9.92 11.30
N THR C 307 35.06 9.82 9.96
CA THR C 307 34.96 8.50 9.29
C THR C 307 35.94 8.33 8.19
N VAL C 308 36.26 7.06 7.92
CA VAL C 308 37.14 6.67 6.85
C VAL C 308 36.92 5.21 6.61
N GLY C 309 36.92 4.87 5.34
CA GLY C 309 36.74 3.49 4.94
C GLY C 309 37.08 3.38 3.47
N ILE C 310 37.30 2.15 3.00
CA ILE C 310 37.63 1.89 1.62
C ILE C 310 36.97 0.60 1.22
N ARG C 311 36.53 0.51 -0.03
CA ARG C 311 35.90 -0.72 -0.54
C ARG C 311 36.60 -1.11 -1.82
N PRO C 312 37.59 -1.98 -1.72
CA PRO C 312 38.35 -2.43 -2.87
C PRO C 312 37.79 -3.72 -3.44
N MET C 313 37.59 -3.73 -4.74
CA MET C 313 37.03 -4.88 -5.44
C MET C 313 38.14 -5.45 -6.30
N TYR C 314 38.29 -6.77 -6.27
CA TYR C 314 39.31 -7.41 -7.12
C TYR C 314 38.57 -8.47 -7.95
N LYS C 315 38.68 -8.40 -9.28
CA LYS C 315 37.91 -9.30 -10.15
C LYS C 315 38.48 -10.52 -10.82
N TRP C 316 38.13 -11.69 -10.32
CA TRP C 316 38.59 -12.95 -10.89
C TRP C 316 38.16 -13.14 -12.34
N THR C 317 36.91 -12.84 -12.58
CA THR C 317 36.28 -13.03 -13.85
C THR C 317 35.58 -11.75 -14.17
N PRO C 318 35.08 -11.61 -15.41
CA PRO C 318 34.40 -10.35 -15.67
C PRO C 318 33.10 -10.27 -14.85
N ILE C 319 32.60 -11.42 -14.37
CA ILE C 319 31.40 -11.40 -13.55
C ILE C 319 31.49 -12.09 -12.18
N MET C 320 32.69 -12.27 -11.63
CA MET C 320 32.85 -12.87 -10.29
C MET C 320 33.98 -12.15 -9.60
N SER C 321 33.73 -11.61 -8.40
CA SER C 321 34.77 -10.88 -7.68
C SER C 321 34.74 -11.10 -6.23
N THR C 322 35.71 -10.50 -5.57
CA THR C 322 35.79 -10.58 -4.14
C THR C 322 35.85 -9.15 -3.69
N VAL C 323 34.85 -8.73 -2.90
CA VAL C 323 34.78 -7.36 -2.38
C VAL C 323 35.18 -7.36 -0.92
N MET C 324 35.68 -6.22 -0.46
CA MET C 324 36.08 -6.08 0.91
C MET C 324 35.84 -4.65 1.34
N GLU C 325 35.35 -4.46 2.57
CA GLU C 325 35.09 -3.11 3.09
C GLU C 325 35.62 -2.98 4.50
N ILE C 326 36.22 -1.82 4.78
CA ILE C 326 36.77 -1.60 6.08
C ILE C 326 36.43 -0.20 6.51
N GLY C 327 35.76 -0.08 7.64
CA GLY C 327 35.36 1.24 8.09
C GLY C 327 35.64 1.59 9.54
N TYR C 328 35.86 2.88 9.78
CA TYR C 328 36.16 3.36 11.10
C TYR C 328 35.39 4.63 11.47
N ASP C 329 34.77 4.59 12.65
CA ASP C 329 34.01 5.73 13.16
C ASP C 329 34.52 6.13 14.51
N ASN C 330 34.31 7.40 14.82
CA ASN C 330 34.71 7.92 16.10
C ASN C 330 33.92 9.22 16.37
N VAL C 331 33.01 9.19 17.33
CA VAL C 331 32.21 10.39 17.64
C VAL C 331 32.51 10.87 19.06
N GLU C 332 32.65 12.17 19.26
CA GLU C 332 32.92 12.69 20.60
C GLU C 332 31.78 13.57 21.04
N SER C 333 31.25 13.35 22.25
CA SER C 333 30.14 14.19 22.72
C SER C 333 30.51 15.64 22.98
N GLN C 334 29.68 16.60 22.56
CA GLN C 334 30.00 18.01 22.83
C GLN C 334 29.88 18.17 24.35
N ARG C 335 28.68 17.89 24.89
CA ARG C 335 28.38 17.98 26.32
C ARG C 335 29.38 17.31 27.28
N THR C 336 29.81 16.09 27.02
CA THR C 336 30.72 15.46 27.97
C THR C 336 32.20 15.24 27.58
N GLY C 337 32.57 15.49 26.34
CA GLY C 337 33.94 15.26 25.94
C GLY C 337 34.32 13.79 25.77
N ASP C 338 33.44 12.84 26.11
CA ASP C 338 33.77 11.41 25.94
C ASP C 338 33.80 11.03 24.45
N LYS C 339 34.35 9.85 24.14
CA LYS C 339 34.41 9.39 22.77
C LYS C 339 33.95 7.97 22.54
N ASN C 340 33.13 7.80 21.52
CA ASN C 340 32.61 6.50 21.10
C ASN C 340 33.31 6.17 19.78
N ASN C 341 33.63 4.90 19.54
CA ASN C 341 34.22 4.53 18.27
C ASN C 341 34.08 3.07 17.95
N GLN C 342 34.29 2.76 16.66
CA GLN C 342 34.15 1.39 16.18
C GLN C 342 34.85 1.18 14.86
N TYR C 343 35.11 -0.09 14.56
CA TYR C 343 35.72 -0.48 13.31
C TYR C 343 35.12 -1.81 12.82
N LYS C 344 34.83 -1.86 11.53
CA LYS C 344 34.20 -3.02 10.92
C LYS C 344 35.02 -3.47 9.72
N ILE C 345 34.98 -4.79 9.47
CA ILE C 345 35.71 -5.38 8.37
C ILE C 345 34.83 -6.44 7.75
N THR C 346 34.41 -6.27 6.50
CA THR C 346 33.56 -7.29 5.87
C THR C 346 34.27 -7.92 4.69
N LEU C 347 34.02 -9.20 4.44
CA LEU C 347 34.64 -9.92 3.33
C LEU C 347 33.52 -10.60 2.53
N ALA C 348 33.42 -10.30 1.23
CA ALA C 348 32.35 -10.87 0.42
C ALA C 348 32.77 -11.31 -0.95
N GLN C 349 32.10 -12.35 -1.42
CA GLN C 349 32.33 -12.95 -2.73
C GLN C 349 31.05 -12.71 -3.52
N GLN C 350 31.09 -11.85 -4.52
CA GLN C 350 29.87 -11.58 -5.29
C GLN C 350 29.88 -12.02 -6.76
N TRP C 351 28.70 -11.97 -7.38
CA TRP C 351 28.49 -12.29 -8.78
C TRP C 351 27.66 -11.12 -9.28
N GLN C 352 28.16 -10.27 -10.16
CA GLN C 352 27.33 -9.17 -10.61
C GLN C 352 27.13 -9.14 -12.10
N ALA C 353 26.09 -8.46 -12.55
CA ALA C 353 25.83 -8.33 -13.97
C ALA C 353 26.58 -7.09 -14.42
N GLY C 354 27.89 -7.16 -14.31
CA GLY C 354 28.71 -6.05 -14.68
C GLY C 354 30.16 -6.44 -14.54
N ASP C 355 31.05 -5.45 -14.60
CA ASP C 355 32.50 -5.60 -14.58
C ASP C 355 32.97 -4.44 -13.69
N SER C 356 32.02 -3.74 -13.06
CA SER C 356 32.35 -2.60 -12.23
C SER C 356 31.92 -2.71 -10.78
N ILE C 357 32.51 -1.84 -9.98
CA ILE C 357 32.16 -1.75 -8.59
C ILE C 357 30.75 -1.12 -8.54
N TRP C 358 30.40 -0.33 -9.56
CA TRP C 358 29.08 0.31 -9.66
C TRP C 358 28.01 -0.50 -10.35
N SER C 359 28.34 -1.70 -10.82
CA SER C 359 27.33 -2.41 -11.57
C SER C 359 26.52 -3.40 -10.79
N ARG C 360 25.20 -3.44 -11.04
CA ARG C 360 24.28 -4.39 -10.38
C ARG C 360 23.10 -4.79 -11.26
N PRO C 361 22.47 -5.97 -11.03
CA PRO C 361 22.27 -6.74 -9.80
C PRO C 361 23.57 -7.27 -9.27
N ALA C 362 23.57 -7.70 -8.01
CA ALA C 362 24.75 -8.28 -7.41
C ALA C 362 24.22 -9.29 -6.42
N ILE C 363 24.91 -10.40 -6.27
CA ILE C 363 24.48 -11.40 -5.32
C ILE C 363 25.68 -11.69 -4.46
N ARG C 364 25.60 -11.32 -3.19
CA ARG C 364 26.71 -11.52 -2.28
C ARG C 364 26.54 -12.64 -1.27
N VAL C 365 27.67 -13.19 -0.88
CA VAL C 365 27.77 -14.17 0.18
C VAL C 365 28.88 -13.52 1.02
N PHE C 366 28.59 -13.19 2.29
CA PHE C 366 29.57 -12.45 3.10
C PHE C 366 29.69 -12.84 4.56
N ALA C 367 30.65 -12.18 5.22
CA ALA C 367 30.96 -12.33 6.62
C ALA C 367 31.41 -10.97 7.07
N THR C 368 30.87 -10.53 8.20
CA THR C 368 31.19 -9.22 8.76
C THR C 368 31.68 -9.38 10.19
N TYR C 369 32.56 -8.49 10.63
CA TYR C 369 33.08 -8.48 12.00
C TYR C 369 33.24 -7.06 12.52
N ALA C 370 32.78 -6.84 13.74
CA ALA C 370 32.90 -5.52 14.31
C ALA C 370 33.22 -5.58 15.78
N LYS C 371 33.99 -4.59 16.20
CA LYS C 371 34.42 -4.42 17.60
C LYS C 371 34.25 -2.95 17.92
N TRP C 372 33.44 -2.62 18.94
CA TRP C 372 33.23 -1.23 19.37
C TRP C 372 33.52 -1.07 20.86
N ASP C 373 33.64 0.19 21.28
CA ASP C 373 33.94 0.55 22.68
C ASP C 373 33.36 1.94 22.83
N GLU C 374 32.10 1.99 23.25
CA GLU C 374 31.39 3.25 23.43
C GLU C 374 31.44 3.74 24.90
N LYS C 375 31.76 5.02 25.09
CA LYS C 375 31.86 5.59 26.44
C LYS C 375 30.81 6.64 26.84
N TRP C 376 29.73 6.71 26.07
CA TRP C 376 28.65 7.66 26.33
C TRP C 376 27.42 7.27 25.52
N GLY C 377 26.27 7.84 25.83
CA GLY C 377 25.07 7.49 25.11
C GLY C 377 24.01 8.54 25.33
N TYR C 378 22.84 8.38 24.74
CA TYR C 378 21.79 9.34 24.94
C TYR C 378 20.84 8.80 26.00
N ASP C 379 20.33 9.67 26.87
CA ASP C 379 19.45 9.23 27.92
C ASP C 379 18.01 9.33 27.51
N TYR C 380 17.46 8.20 27.12
CA TYR C 380 16.09 8.16 26.69
C TYR C 380 15.28 7.39 27.70
N THR C 381 15.83 7.19 28.90
CA THR C 381 15.10 6.47 29.95
C THR C 381 14.08 7.39 30.53
N GLY C 382 12.96 6.84 30.95
CA GLY C 382 11.99 7.72 31.53
C GLY C 382 11.05 8.38 30.57
N ASN C 383 10.69 9.62 30.87
CA ASN C 383 9.70 10.32 30.10
C ASN C 383 10.17 11.77 29.97
N ALA C 384 9.75 12.45 28.91
CA ALA C 384 10.14 13.83 28.73
C ALA C 384 9.69 14.61 29.97
N ASP C 385 8.69 14.05 30.69
CA ASP C 385 8.11 14.62 31.92
C ASP C 385 8.81 14.03 33.17
N ASN C 386 8.96 12.69 33.26
CA ASN C 386 9.65 12.06 34.40
C ASN C 386 11.06 12.61 34.39
N ASN C 387 11.75 12.36 33.27
CA ASN C 387 13.14 12.73 33.02
C ASN C 387 13.43 14.15 32.56
N ALA C 388 14.39 14.77 33.21
CA ALA C 388 14.79 16.13 32.90
C ALA C 388 15.99 16.13 31.98
N ASN C 389 16.76 15.05 32.02
CA ASN C 389 17.91 14.88 31.16
C ASN C 389 17.51 14.12 29.92
N PHE C 390 16.20 14.07 29.64
CA PHE C 390 15.67 13.32 28.53
C PHE C 390 16.29 13.74 27.25
N GLY C 391 16.92 12.77 26.59
CA GLY C 391 17.57 13.02 25.31
C GLY C 391 18.90 13.74 25.28
N LYS C 392 19.64 13.74 26.39
CA LYS C 392 20.92 14.41 26.43
C LYS C 392 22.02 13.40 26.43
N ALA C 393 23.19 13.81 25.94
CA ALA C 393 24.35 12.92 25.95
C ALA C 393 24.72 12.70 27.44
N VAL C 394 25.06 11.48 27.82
CA VAL C 394 25.36 11.18 29.21
C VAL C 394 26.38 10.04 29.21
N PRO C 395 27.32 10.02 30.16
CA PRO C 395 28.29 8.91 30.13
C PRO C 395 27.77 7.54 30.31
N ALA C 396 28.63 6.60 30.01
CA ALA C 396 28.30 5.22 30.04
C ALA C 396 27.77 4.60 31.32
N ASP C 397 28.03 5.24 32.44
CA ASP C 397 27.60 4.67 33.71
C ASP C 397 26.81 5.64 34.56
N PHE C 398 26.43 6.74 33.94
CA PHE C 398 25.68 7.79 34.59
C PHE C 398 24.61 7.24 35.50
N ASN C 399 24.75 7.57 36.78
CA ASN C 399 23.85 7.16 37.85
C ASN C 399 23.65 5.65 37.95
N GLY C 400 24.76 4.90 37.94
CA GLY C 400 24.67 3.46 38.08
C GLY C 400 23.99 2.72 36.96
N GLY C 401 23.27 3.44 36.09
CA GLY C 401 22.62 2.80 34.97
C GLY C 401 23.69 2.62 33.89
N SER C 402 23.30 2.51 32.63
CA SER C 402 24.33 2.36 31.61
C SER C 402 23.83 2.76 30.25
N PHE C 403 24.62 3.61 29.60
CA PHE C 403 24.28 4.16 28.31
C PHE C 403 25.31 3.82 27.22
N GLY C 404 24.85 3.69 25.98
CA GLY C 404 25.80 3.33 24.95
C GLY C 404 25.82 1.82 24.71
N ARG C 405 26.51 1.41 23.66
CA ARG C 405 26.57 0.01 23.27
C ARG C 405 27.58 -0.81 24.06
N GLY C 406 28.37 -0.15 24.90
CA GLY C 406 29.35 -0.91 25.64
C GLY C 406 30.69 -1.13 24.97
N ASP C 407 31.32 -2.25 25.30
CA ASP C 407 32.62 -2.55 24.75
C ASP C 407 32.64 -4.04 24.42
N SER C 408 32.15 -4.38 23.22
CA SER C 408 32.13 -5.78 22.82
C SER C 408 32.56 -6.10 21.38
N ASP C 409 32.05 -7.24 20.93
CA ASP C 409 32.38 -7.85 19.68
C ASP C 409 31.22 -8.56 19.05
N GLU C 410 31.41 -8.98 17.81
CA GLU C 410 30.40 -9.77 17.11
C GLU C 410 30.73 -10.01 15.66
N TRP C 411 30.14 -11.05 15.10
CA TRP C 411 30.33 -11.36 13.70
C TRP C 411 29.05 -11.96 13.15
N THR C 412 28.67 -11.54 11.94
CA THR C 412 27.46 -12.05 11.30
C THR C 412 27.85 -12.50 9.93
N PHE C 413 26.93 -13.16 9.23
CA PHE C 413 27.16 -13.64 7.87
C PHE C 413 25.89 -14.06 7.16
N GLY C 414 25.90 -14.03 5.83
CA GLY C 414 24.73 -14.44 5.07
C GLY C 414 24.82 -14.19 3.57
N ALA C 415 23.66 -14.13 2.93
CA ALA C 415 23.55 -13.92 1.50
C ALA C 415 22.64 -12.74 1.25
N GLN C 416 22.90 -11.93 0.23
CA GLN C 416 22.06 -10.75 -0.08
C GLN C 416 22.05 -10.46 -1.59
N MET C 417 21.05 -9.71 -2.04
CA MET C 417 20.90 -9.34 -3.44
C MET C 417 20.73 -7.83 -3.37
N GLU C 418 21.21 -7.05 -4.32
CA GLU C 418 20.97 -5.58 -4.31
C GLU C 418 20.86 -5.11 -5.75
N ILE C 419 19.98 -4.16 -6.07
CA ILE C 419 19.85 -3.81 -7.48
C ILE C 419 19.14 -2.53 -7.83
N TRP C 420 19.76 -1.68 -8.64
CA TRP C 420 19.02 -0.51 -9.13
C TRP C 420 18.74 -0.74 -10.62
N TRP C 421 17.57 -0.35 -11.09
CA TRP C 421 17.20 -0.54 -12.49
C TRP C 421 16.43 0.66 -13.02
#